data_6HF3
#
_entry.id   6HF3
#
_cell.length_a   78.230
_cell.length_b   84.110
_cell.length_c   80.770
_cell.angle_alpha   90.00
_cell.angle_beta   103.36
_cell.angle_gamma   90.00
#
_symmetry.space_group_name_H-M   'P 1 21 1'
#
loop_
_entity.id
_entity.type
_entity.pdbx_description
1 polymer 'Decaprenylphosphoryl-beta-D-ribose oxidase'
2 non-polymer '2-(4-(cyclohexylmethyl)piperazin-1-yl)-8-nitro-6-(trifluoromethyl)-4H-benzo[e][1,3]thiazin-4-one, bound form'
3 non-polymer 'FLAVIN-ADENINE DINUCLEOTIDE'
4 water water
#
_entity_poly.entity_id   1
_entity_poly.type   'polypeptide(L)'
_entity_poly.pdbx_seq_one_letter_code
;MGSSHHHHHHSSGLVPRGSHMLSVGATTTATRLTGWGRTAPSVANVLRTPDAEMIVKAVARVAESGGGRGAIARGLGRSY
GDNAQNGGGLVIDMTPLNTIHSIDADTKLVDIDAGVNLDQLMKAALPFGLWVPVLPGTRQVTVGGAIACDIHGKNHHSAG
SFGNHVRSMDLLTADGEIRHLTPTGEDAELFWATVGGNGLTGIIMRATIEMTPTSTAYFIADGDVTASLDETIALHSDGS
EARYTYSSAWFDAISAPPKLGRAAVSRGRLATVEQLPAKLRSEPLKFDAPQLLTLPDVFPNGLANKYTFGPIGELWYRKS
GTYRGKVQNLTQFYHPLDMFGEWNRAYGPAGFLQYQFVIPTEAVDEFKKIIGVIQASGHYSFLNVFKLFGPRNQAPLSFP
IPGWNICVDFPIKDGLGKFVSELDRRVLEFGGRLYTAKDSRTTAETFHAMYPRVDEWISVRRKVDPLRVFASDMARRLEL
L
;
_entity_poly.pdbx_strand_id   A,B
#
loop_
_chem_comp.id
_chem_comp.type
_chem_comp.name
_chem_comp.formula
26J non-polymer '2-(4-(cyclohexylmethyl)piperazin-1-yl)-8-nitro-6-(trifluoromethyl)-4H-benzo[e][1,3]thiazin-4-one, bound form' 'C20 H25 F3 N4 O2 S'
FAD non-polymer 'FLAVIN-ADENINE DINUCLEOTIDE' 'C27 H33 N9 O15 P2'
#
# COMPACT_ATOMS: atom_id res chain seq x y z
N THR A 27 -22.67 25.10 -4.38
CA THR A 27 -22.01 23.92 -4.92
C THR A 27 -20.72 24.26 -5.68
N THR A 28 -20.80 25.29 -6.52
CA THR A 28 -19.64 25.72 -7.30
C THR A 28 -19.00 26.98 -6.76
N THR A 29 -17.84 27.33 -7.32
CA THR A 29 -17.10 28.51 -6.90
C THR A 29 -16.37 29.15 -8.09
N ALA A 30 -16.63 30.44 -8.30
CA ALA A 30 -15.95 31.20 -9.35
C ALA A 30 -14.45 31.18 -9.11
N THR A 31 -13.71 30.60 -10.04
CA THR A 31 -12.28 30.39 -9.84
C THR A 31 -11.46 30.72 -11.09
N ARG A 32 -10.33 31.39 -10.86
CA ARG A 32 -9.39 31.71 -11.93
C ARG A 32 -8.41 30.56 -12.14
N LEU A 33 -8.52 29.89 -13.29
CA LEU A 33 -7.70 28.71 -13.56
C LEU A 33 -6.65 28.97 -14.65
N THR A 34 -5.48 28.33 -14.49
CA THR A 34 -4.45 28.30 -15.52
C THR A 34 -3.86 26.90 -15.54
N GLY A 35 -3.27 26.52 -16.67
CA GLY A 35 -2.44 25.33 -16.73
C GLY A 35 -1.19 25.54 -15.89
N TRP A 36 -0.36 24.51 -15.82
CA TRP A 36 0.89 24.55 -15.06
C TRP A 36 1.79 25.70 -15.48
N GLY A 37 1.64 26.13 -16.74
CA GLY A 37 2.45 27.20 -17.29
C GLY A 37 2.01 28.59 -16.83
N ARG A 38 0.96 28.63 -16.03
CA ARG A 38 0.52 29.86 -15.37
C ARG A 38 0.10 30.95 -16.36
N THR A 39 -0.39 30.53 -17.52
CA THR A 39 -0.74 31.47 -18.58
C THR A 39 -2.11 31.20 -19.19
N ALA A 40 -2.63 32.18 -19.92
CA ALA A 40 -3.94 32.10 -20.58
C ALA A 40 -5.08 31.76 -19.62
N PRO A 41 -5.29 32.61 -18.60
CA PRO A 41 -6.25 32.32 -17.54
C PRO A 41 -7.69 32.59 -17.96
N SER A 42 -8.61 31.74 -17.49
CA SER A 42 -10.04 31.98 -17.64
C SER A 42 -10.77 31.61 -16.35
N VAL A 43 -11.86 32.31 -16.08
CA VAL A 43 -12.65 32.07 -14.87
C VAL A 43 -13.83 31.15 -15.13
N ALA A 44 -13.89 30.07 -14.35
CA ALA A 44 -14.97 29.10 -14.45
C ALA A 44 -15.63 28.88 -13.08
N ASN A 45 -16.76 28.19 -13.11
CA ASN A 45 -17.38 27.74 -11.88
C ASN A 45 -16.91 26.33 -11.56
N VAL A 46 -16.20 26.19 -10.44
CA VAL A 46 -15.54 24.94 -10.12
C VAL A 46 -16.28 24.16 -9.03
N LEU A 47 -16.82 23.01 -9.43
CA LEU A 47 -17.45 22.09 -8.52
C LEU A 47 -16.37 21.18 -7.96
N ARG A 48 -16.22 21.18 -6.64
CA ARG A 48 -15.32 20.25 -5.97
C ARG A 48 -16.08 19.40 -4.96
N THR A 49 -16.28 18.13 -5.27
CA THR A 49 -17.05 17.25 -4.39
C THR A 49 -16.54 15.80 -4.42
N PRO A 50 -16.61 15.09 -3.28
CA PRO A 50 -16.27 13.67 -3.30
C PRO A 50 -17.52 12.83 -3.62
N ASP A 51 -18.63 13.52 -3.83
CA ASP A 51 -19.89 12.85 -4.07
C ASP A 51 -20.18 12.62 -5.55
N ALA A 52 -19.96 11.39 -6.00
CA ALA A 52 -20.14 11.05 -7.41
C ALA A 52 -21.54 11.35 -7.96
N GLU A 53 -22.57 11.20 -7.14
CA GLU A 53 -23.93 11.50 -7.59
C GLU A 53 -24.13 12.99 -7.88
N MET A 54 -23.50 13.86 -7.09
CA MET A 54 -23.61 15.30 -7.31
C MET A 54 -22.94 15.72 -8.61
N ILE A 55 -21.93 14.94 -9.01
CA ILE A 55 -21.27 15.14 -10.29
C ILE A 55 -22.19 14.77 -11.45
N VAL A 56 -22.77 13.58 -11.37
CA VAL A 56 -23.77 13.11 -12.33
C VAL A 56 -24.87 14.15 -12.53
N LYS A 57 -25.27 14.78 -11.43
CA LYS A 57 -26.38 15.71 -11.46
C LYS A 57 -25.98 17.09 -11.98
N ALA A 58 -24.69 17.43 -11.88
CA ALA A 58 -24.19 18.69 -12.43
C ALA A 58 -24.08 18.61 -13.95
N VAL A 59 -23.68 17.45 -14.44
CA VAL A 59 -23.65 17.18 -15.87
C VAL A 59 -25.08 17.16 -16.40
N ALA A 60 -25.97 16.49 -15.69
CA ALA A 60 -27.38 16.47 -16.03
C ALA A 60 -27.96 17.88 -16.12
N ARG A 61 -27.46 18.79 -15.28
CA ARG A 61 -27.92 20.19 -15.27
C ARG A 61 -27.41 20.95 -16.48
N VAL A 62 -26.09 21.00 -16.64
CA VAL A 62 -25.44 21.61 -17.80
C VAL A 62 -26.06 21.09 -19.10
N ALA A 63 -26.35 19.79 -19.14
CA ALA A 63 -26.98 19.18 -20.31
C ALA A 63 -28.39 19.71 -20.61
N GLU A 64 -29.13 20.10 -19.57
CA GLU A 64 -30.46 20.69 -19.76
C GLU A 64 -30.34 22.07 -20.38
N SER A 65 -29.56 22.92 -19.72
CA SER A 65 -29.38 24.31 -20.12
C SER A 65 -28.92 24.46 -21.57
N GLY A 68 -25.29 25.46 -23.08
CA GLY A 68 -24.53 26.63 -22.66
C GLY A 68 -23.08 26.54 -23.10
N ARG A 69 -22.17 26.85 -22.18
CA ARG A 69 -20.73 26.74 -22.47
C ARG A 69 -20.14 25.46 -21.91
N GLY A 70 -21.02 24.50 -21.61
CA GLY A 70 -20.63 23.14 -21.31
C GLY A 70 -19.77 22.95 -20.07
N ALA A 71 -19.09 21.80 -20.03
CA ALA A 71 -18.33 21.41 -18.84
C ALA A 71 -17.07 20.65 -19.19
N ILE A 72 -16.08 20.69 -18.29
CA ILE A 72 -14.86 19.90 -18.46
C ILE A 72 -14.35 19.39 -17.09
N ALA A 73 -13.83 18.17 -17.05
CA ALA A 73 -13.21 17.67 -15.83
C ALA A 73 -11.78 18.20 -15.69
N ARG A 74 -11.33 18.34 -14.46
CA ARG A 74 -9.96 18.78 -14.18
C ARG A 74 -9.34 17.86 -13.14
N GLY A 75 -8.03 17.60 -13.29
CA GLY A 75 -7.32 16.74 -12.36
C GLY A 75 -6.42 17.54 -11.43
N LEU A 76 -5.15 17.20 -11.38
CA LEU A 76 -4.22 17.98 -10.58
C LEU A 76 -3.66 19.25 -11.26
N GLY A 77 -4.15 19.58 -12.45
CA GLY A 77 -3.77 20.81 -13.15
C GLY A 77 -2.33 20.85 -13.64
N ARG A 78 -1.81 19.68 -14.00
CA ARG A 78 -0.40 19.56 -14.36
C ARG A 78 -0.15 19.74 -15.86
N SER A 79 -1.20 19.65 -16.65
CA SER A 79 -1.07 19.93 -18.07
C SER A 79 -0.72 21.43 -18.21
N TYR A 80 0.27 21.74 -19.04
CA TYR A 80 0.72 23.11 -19.21
C TYR A 80 -0.30 23.98 -19.94
N GLY A 81 -1.08 23.36 -20.82
CA GLY A 81 -2.01 24.11 -21.65
C GLY A 81 -3.38 24.40 -21.07
N ASP A 82 -4.35 24.60 -21.97
CA ASP A 82 -5.69 25.05 -21.60
C ASP A 82 -6.76 23.95 -21.64
N ASN A 83 -6.34 22.68 -21.59
CA ASN A 83 -7.30 21.59 -21.74
C ASN A 83 -8.22 21.30 -20.54
N ALA A 84 -7.85 21.82 -19.37
CA ALA A 84 -8.58 21.58 -18.13
C ALA A 84 -9.15 22.86 -17.54
N GLN A 85 -9.48 23.81 -18.42
CA GLN A 85 -10.25 24.98 -18.00
C GLN A 85 -11.37 25.26 -18.98
N ASN A 86 -12.36 26.02 -18.56
CA ASN A 86 -13.51 26.28 -19.41
C ASN A 86 -14.13 27.65 -19.11
N GLY A 87 -13.52 28.71 -19.63
CA GLY A 87 -13.97 30.07 -19.41
C GLY A 87 -15.47 30.28 -19.57
N GLY A 88 -16.10 30.83 -18.54
CA GLY A 88 -17.53 31.07 -18.55
C GLY A 88 -18.38 29.81 -18.42
N GLY A 89 -17.74 28.66 -18.31
CA GLY A 89 -18.43 27.39 -18.20
C GLY A 89 -18.18 26.67 -16.88
N LEU A 90 -18.49 25.38 -16.84
CA LEU A 90 -18.32 24.58 -15.64
C LEU A 90 -17.06 23.71 -15.68
N VAL A 91 -16.31 23.69 -14.58
CA VAL A 91 -15.15 22.83 -14.44
C VAL A 91 -15.32 21.92 -13.21
N ILE A 92 -15.16 20.62 -13.39
CA ILE A 92 -15.39 19.68 -12.28
C ILE A 92 -14.07 19.16 -11.73
N ASP A 93 -13.74 19.52 -10.50
CA ASP A 93 -12.50 19.06 -9.91
C ASP A 93 -12.64 17.62 -9.42
N MET A 94 -11.83 16.73 -9.98
CA MET A 94 -11.99 15.29 -9.75
C MET A 94 -11.12 14.74 -8.61
N THR A 95 -10.22 15.56 -8.09
CA THR A 95 -9.27 15.11 -7.07
C THR A 95 -9.87 14.59 -5.76
N PRO A 96 -11.00 15.18 -5.29
CA PRO A 96 -11.61 14.58 -4.09
C PRO A 96 -12.13 13.17 -4.31
N LEU A 97 -12.34 12.79 -5.56
CA LEU A 97 -12.79 11.43 -5.88
C LEU A 97 -11.58 10.51 -5.99
N ASN A 98 -10.94 10.17 -4.87
CA ASN A 98 -9.65 9.48 -4.92
C ASN A 98 -9.57 8.14 -4.16
N THR A 99 -10.65 7.39 -4.21
CA THR A 99 -10.68 6.09 -3.60
C THR A 99 -9.99 5.02 -4.45
N ILE A 100 -9.01 4.36 -3.85
CA ILE A 100 -8.56 3.09 -4.39
C ILE A 100 -9.52 2.00 -3.92
N HIS A 101 -10.18 1.32 -4.86
CA HIS A 101 -11.21 0.34 -4.56
C HIS A 101 -10.63 -1.04 -4.28
N SER A 102 -9.79 -1.55 -5.17
CA SER A 102 -9.07 -2.79 -4.90
C SER A 102 -7.76 -2.86 -5.65
N ILE A 103 -6.87 -3.70 -5.13
CA ILE A 103 -5.64 -4.07 -5.82
C ILE A 103 -5.56 -5.57 -5.72
N ASP A 104 -5.26 -6.24 -6.82
CA ASP A 104 -5.17 -7.70 -6.82
C ASP A 104 -3.85 -8.09 -7.46
N ALA A 105 -3.00 -8.75 -6.68
CA ALA A 105 -1.68 -9.12 -7.15
C ALA A 105 -1.73 -10.25 -8.16
N ASP A 106 -2.73 -11.12 -8.05
CA ASP A 106 -2.81 -12.29 -8.90
C ASP A 106 -3.22 -11.91 -10.33
N THR A 107 -4.26 -11.10 -10.44
CA THR A 107 -4.68 -10.57 -11.74
C THR A 107 -3.85 -9.36 -12.20
N LYS A 108 -3.09 -8.77 -11.28
CA LYS A 108 -2.33 -7.53 -11.50
C LYS A 108 -3.22 -6.31 -11.70
N LEU A 109 -4.50 -6.43 -11.41
CA LEU A 109 -5.44 -5.35 -11.67
C LEU A 109 -5.66 -4.43 -10.48
N VAL A 110 -5.94 -3.18 -10.81
CA VAL A 110 -6.09 -2.10 -9.86
C VAL A 110 -7.39 -1.39 -10.25
N ASP A 111 -8.29 -1.19 -9.30
CA ASP A 111 -9.58 -0.57 -9.55
C ASP A 111 -9.62 0.73 -8.75
N ILE A 112 -9.64 1.87 -9.44
CA ILE A 112 -9.46 3.15 -8.76
C ILE A 112 -10.36 4.24 -9.28
N ASP A 113 -10.70 5.14 -8.37
CA ASP A 113 -11.36 6.38 -8.73
C ASP A 113 -10.43 7.18 -9.66
N ALA A 114 -11.01 8.03 -10.51
CA ALA A 114 -10.21 8.82 -11.46
C ALA A 114 -9.40 9.95 -10.84
N GLY A 115 -9.78 10.39 -9.64
CA GLY A 115 -9.03 11.41 -8.93
C GLY A 115 -7.80 10.88 -8.20
N VAL A 116 -7.64 9.56 -8.20
CA VAL A 116 -6.44 8.95 -7.63
C VAL A 116 -5.22 9.44 -8.40
N ASN A 117 -4.17 9.85 -7.69
CA ASN A 117 -2.96 10.24 -8.40
C ASN A 117 -1.95 9.09 -8.49
N LEU A 118 -0.97 9.24 -9.36
CA LEU A 118 -0.07 8.13 -9.63
C LEU A 118 0.95 7.91 -8.53
N ASP A 119 1.20 8.94 -7.70
CA ASP A 119 2.11 8.76 -6.57
C ASP A 119 1.40 7.94 -5.48
N GLN A 120 0.16 8.32 -5.22
CA GLN A 120 -0.73 7.60 -4.32
C GLN A 120 -0.85 6.14 -4.78
N LEU A 121 -1.07 5.96 -6.06
CA LEU A 121 -1.24 4.63 -6.61
C LEU A 121 0.05 3.82 -6.52
N MET A 122 1.18 4.48 -6.76
CA MET A 122 2.46 3.81 -6.70
C MET A 122 2.77 3.25 -5.30
N LYS A 123 2.49 4.04 -4.26
CA LYS A 123 2.82 3.63 -2.89
C LYS A 123 1.91 2.48 -2.44
N ALA A 124 0.63 2.57 -2.82
CA ALA A 124 -0.33 1.55 -2.43
C ALA A 124 -0.02 0.24 -3.15
N ALA A 125 0.50 0.33 -4.37
CA ALA A 125 0.64 -0.86 -5.20
C ALA A 125 1.91 -1.66 -4.92
N LEU A 126 2.96 -0.95 -4.52
CA LEU A 126 4.24 -1.57 -4.26
C LEU A 126 4.18 -2.85 -3.40
N PRO A 127 3.53 -2.81 -2.22
CA PRO A 127 3.57 -4.01 -1.36
C PRO A 127 2.95 -5.24 -2.00
N PHE A 128 2.33 -5.08 -3.17
CA PHE A 128 1.76 -6.22 -3.86
C PHE A 128 2.74 -6.68 -4.93
N GLY A 129 3.88 -6.00 -5.02
CA GLY A 129 4.83 -6.30 -6.08
C GLY A 129 4.31 -5.82 -7.43
N LEU A 130 3.66 -4.66 -7.44
CA LEU A 130 3.04 -4.12 -8.65
C LEU A 130 3.55 -2.69 -8.96
N TRP A 131 3.95 -2.48 -10.22
CA TRP A 131 4.52 -1.22 -10.67
C TRP A 131 3.57 -0.50 -11.64
N VAL A 132 3.34 0.79 -11.39
CA VAL A 132 2.52 1.62 -12.30
C VAL A 132 3.16 1.51 -13.69
N PRO A 133 2.38 1.09 -14.68
CA PRO A 133 2.99 0.68 -15.96
C PRO A 133 3.60 1.82 -16.77
N VAL A 134 3.12 3.05 -16.60
CA VAL A 134 3.69 4.21 -17.28
C VAL A 134 3.73 5.39 -16.32
N LEU A 135 4.92 5.92 -16.07
CA LEU A 135 5.05 7.07 -15.19
C LEU A 135 5.58 8.30 -15.96
N PRO A 136 4.94 9.46 -15.79
CA PRO A 136 5.40 10.68 -16.43
C PRO A 136 6.43 11.39 -15.54
N GLY A 137 6.86 12.58 -15.95
CA GLY A 137 7.94 13.29 -15.30
C GLY A 137 7.64 13.76 -13.88
N THR A 138 6.37 13.76 -13.51
CA THR A 138 5.95 14.09 -12.16
C THR A 138 4.85 13.12 -11.78
N ARG A 139 4.80 12.70 -10.53
CA ARG A 139 3.79 11.73 -10.13
C ARG A 139 2.52 12.42 -9.68
N GLN A 140 2.51 13.75 -9.69
CA GLN A 140 1.32 14.49 -9.31
C GLN A 140 0.34 14.65 -10.47
N VAL A 141 -0.04 13.52 -11.07
CA VAL A 141 -1.10 13.53 -12.06
C VAL A 141 -2.18 12.50 -11.71
N THR A 142 -3.44 12.82 -11.97
CA THR A 142 -4.53 11.89 -11.71
C THR A 142 -4.63 10.84 -12.80
N VAL A 143 -5.24 9.70 -12.47
CA VAL A 143 -5.49 8.66 -13.45
C VAL A 143 -6.36 9.17 -14.61
N GLY A 144 -7.41 9.92 -14.29
CA GLY A 144 -8.21 10.54 -15.33
C GLY A 144 -7.37 11.39 -16.29
N GLY A 145 -6.44 12.16 -15.72
CA GLY A 145 -5.53 12.98 -16.51
C GLY A 145 -4.56 12.16 -17.33
N ALA A 146 -4.11 11.03 -16.77
CA ALA A 146 -3.17 10.14 -17.45
C ALA A 146 -3.83 9.50 -18.65
N ILE A 147 -5.10 9.22 -18.50
CA ILE A 147 -5.84 8.63 -19.62
C ILE A 147 -6.21 9.67 -20.67
N ALA A 148 -6.74 10.79 -20.22
CA ALA A 148 -7.22 11.81 -21.16
C ALA A 148 -6.08 12.41 -21.97
N CYS A 149 -4.86 12.39 -21.42
CA CYS A 149 -3.70 12.86 -22.17
C CYS A 149 -2.91 11.71 -22.75
N ASP A 150 -3.34 10.48 -22.46
CA ASP A 150 -2.62 9.27 -22.89
C ASP A 150 -1.10 9.39 -22.69
N ILE A 151 -0.72 9.64 -21.44
CA ILE A 151 0.64 9.96 -21.10
C ILE A 151 1.66 8.89 -21.41
N HIS A 152 2.89 9.35 -21.61
CA HIS A 152 4.02 8.47 -21.95
C HIS A 152 5.10 8.66 -20.89
N GLY A 153 6.08 7.76 -20.86
CA GLY A 153 7.20 7.90 -19.95
C GLY A 153 8.48 7.35 -20.56
N LYS A 154 9.49 7.13 -19.72
CA LYS A 154 10.80 6.64 -20.16
C LYS A 154 10.76 5.24 -20.77
N ASN A 155 9.64 4.54 -20.61
CA ASN A 155 9.53 3.19 -21.14
C ASN A 155 8.60 3.07 -22.35
N HIS A 156 8.27 4.20 -22.98
CA HIS A 156 7.30 4.13 -24.07
C HIS A 156 7.69 3.16 -25.16
N HIS A 157 8.97 3.10 -25.50
CA HIS A 157 9.41 2.21 -26.56
C HIS A 157 9.22 0.73 -26.19
N SER A 158 9.14 0.42 -24.90
CA SER A 158 8.91 -0.98 -24.51
C SER A 158 7.49 -1.24 -24.02
N ALA A 159 6.80 -0.18 -23.57
CA ALA A 159 5.50 -0.38 -22.90
C ALA A 159 4.33 0.42 -23.45
N GLY A 160 4.56 1.26 -24.46
CA GLY A 160 3.51 2.12 -24.97
C GLY A 160 3.19 3.24 -23.99
N SER A 161 2.02 3.85 -24.15
CA SER A 161 1.59 4.90 -23.26
C SER A 161 0.47 4.39 -22.34
N PHE A 162 -0.04 5.26 -21.49
CA PHE A 162 -0.93 4.89 -20.40
C PHE A 162 -2.17 4.14 -20.86
N GLY A 163 -2.72 4.61 -21.98
CA GLY A 163 -3.93 4.05 -22.53
C GLY A 163 -3.83 2.56 -22.83
N ASN A 164 -2.64 2.09 -23.16
CA ASN A 164 -2.39 0.68 -23.45
C ASN A 164 -2.64 -0.26 -22.27
N HIS A 165 -2.71 0.32 -21.06
CA HIS A 165 -2.74 -0.49 -19.85
C HIS A 165 -4.07 -0.40 -19.13
N VAL A 166 -5.00 0.40 -19.67
CA VAL A 166 -6.34 0.51 -19.12
C VAL A 166 -7.14 -0.67 -19.66
N ARG A 167 -7.77 -1.41 -18.75
CA ARG A 167 -8.56 -2.58 -19.15
C ARG A 167 -10.04 -2.26 -19.14
N SER A 168 -10.43 -1.23 -18.38
CA SER A 168 -11.82 -0.78 -18.38
C SER A 168 -11.87 0.62 -17.80
N MET A 169 -12.87 1.40 -18.20
CA MET A 169 -13.14 2.65 -17.50
C MET A 169 -14.63 2.95 -17.52
N ASP A 170 -15.10 3.71 -16.54
CA ASP A 170 -16.50 4.12 -16.54
C ASP A 170 -16.56 5.59 -16.92
N LEU A 171 -17.27 5.88 -18.00
CA LEU A 171 -17.31 7.23 -18.55
C LEU A 171 -18.69 7.83 -18.35
N LEU A 172 -18.74 8.96 -17.67
CA LEU A 172 -19.98 9.71 -17.55
C LEU A 172 -20.16 10.52 -18.84
N THR A 173 -21.21 10.20 -19.59
CA THR A 173 -21.42 10.84 -20.88
C THR A 173 -22.50 11.92 -20.82
N ALA A 174 -22.70 12.58 -21.96
CA ALA A 174 -23.61 13.71 -22.09
C ALA A 174 -25.04 13.41 -21.68
N ASP A 175 -25.49 12.19 -21.91
CA ASP A 175 -26.85 11.79 -21.55
C ASP A 175 -27.03 11.53 -20.05
N GLY A 176 -25.97 11.72 -19.28
CA GLY A 176 -26.00 11.45 -17.86
C GLY A 176 -25.93 9.97 -17.52
N GLU A 177 -25.66 9.14 -18.52
CA GLU A 177 -25.48 7.71 -18.27
C GLU A 177 -24.00 7.41 -18.12
N ILE A 178 -23.70 6.38 -17.33
CA ILE A 178 -22.34 5.93 -17.15
C ILE A 178 -22.09 4.73 -18.03
N ARG A 179 -21.16 4.85 -18.98
CA ARG A 179 -20.86 3.72 -19.84
C ARG A 179 -19.56 3.02 -19.47
N HIS A 180 -19.62 1.69 -19.47
CA HIS A 180 -18.49 0.84 -19.15
C HIS A 180 -17.74 0.52 -20.44
N LEU A 181 -16.55 1.08 -20.59
CA LEU A 181 -15.78 0.93 -21.80
C LEU A 181 -14.61 -0.03 -21.61
N THR A 182 -14.33 -0.80 -22.65
CA THR A 182 -13.20 -1.71 -22.64
C THR A 182 -12.51 -1.57 -23.99
N PRO A 183 -11.20 -1.85 -24.04
CA PRO A 183 -10.44 -1.61 -25.27
C PRO A 183 -10.88 -2.45 -26.46
N THR A 184 -11.52 -3.59 -26.21
CA THR A 184 -11.98 -4.46 -27.28
C THR A 184 -13.49 -4.71 -27.17
N GLY A 185 -14.06 -5.38 -28.16
CA GLY A 185 -15.49 -5.59 -28.18
C GLY A 185 -16.26 -4.29 -28.40
N GLU A 186 -17.55 -4.29 -28.07
CA GLU A 186 -18.41 -3.14 -28.29
C GLU A 186 -17.92 -1.92 -27.52
N ASP A 187 -18.19 -0.74 -28.07
CA ASP A 187 -17.80 0.55 -27.47
C ASP A 187 -16.30 0.85 -27.45
N ALA A 188 -15.51 0.00 -28.09
CA ALA A 188 -14.07 0.19 -28.23
C ALA A 188 -13.73 1.56 -28.86
N GLU A 189 -14.55 1.98 -29.83
CA GLU A 189 -14.37 3.25 -30.55
C GLU A 189 -14.42 4.42 -29.57
N LEU A 190 -15.47 4.47 -28.76
CA LEU A 190 -15.55 5.45 -27.69
C LEU A 190 -14.39 5.32 -26.69
N PHE A 191 -13.97 4.09 -26.41
CA PHE A 191 -12.87 3.86 -25.48
C PHE A 191 -11.61 4.55 -26.00
N TRP A 192 -11.26 4.24 -27.24
CA TRP A 192 -10.07 4.79 -27.87
C TRP A 192 -10.15 6.28 -28.25
N ALA A 193 -11.34 6.85 -28.20
CA ALA A 193 -11.51 8.28 -28.42
C ALA A 193 -11.34 9.03 -27.10
N THR A 194 -11.60 8.32 -26.02
CA THR A 194 -11.47 8.85 -24.68
C THR A 194 -10.00 8.94 -24.27
N VAL A 195 -9.26 7.87 -24.56
CA VAL A 195 -7.81 7.86 -24.40
C VAL A 195 -7.25 8.96 -25.28
N GLY A 196 -6.57 9.94 -24.68
CA GLY A 196 -6.02 11.04 -25.44
C GLY A 196 -7.08 12.06 -25.89
N GLY A 197 -8.30 11.91 -25.37
CA GLY A 197 -9.41 12.76 -25.77
C GLY A 197 -9.56 14.07 -25.00
N ASN A 198 -8.64 14.32 -24.07
CA ASN A 198 -8.62 15.55 -23.29
C ASN A 198 -9.93 15.93 -22.58
N GLY A 199 -10.61 14.92 -22.02
CA GLY A 199 -11.87 15.11 -21.33
C GLY A 199 -13.08 15.34 -22.21
N LEU A 200 -12.91 15.28 -23.52
CA LEU A 200 -13.97 15.75 -24.42
C LEU A 200 -15.00 14.69 -24.84
N THR A 201 -14.94 13.50 -24.23
CA THR A 201 -15.98 12.49 -24.43
C THR A 201 -16.83 12.32 -23.16
N GLY A 202 -16.45 13.02 -22.12
CA GLY A 202 -17.13 12.92 -20.85
C GLY A 202 -16.16 12.72 -19.70
N ILE A 203 -16.69 12.41 -18.52
CA ILE A 203 -15.88 12.32 -17.31
C ILE A 203 -15.56 10.87 -16.98
N ILE A 204 -14.27 10.55 -16.91
CA ILE A 204 -13.87 9.23 -16.47
C ILE A 204 -14.10 9.15 -14.95
N MET A 205 -15.02 8.32 -14.51
CA MET A 205 -15.31 8.25 -13.08
C MET A 205 -14.35 7.29 -12.39
N ARG A 206 -14.02 6.21 -13.09
CA ARG A 206 -13.36 5.09 -12.46
C ARG A 206 -12.71 4.27 -13.56
N ALA A 207 -11.62 3.58 -13.23
CA ALA A 207 -10.90 2.74 -14.19
C ALA A 207 -10.24 1.52 -13.57
N THR A 208 -10.00 0.52 -14.40
CA THR A 208 -9.20 -0.61 -14.03
C THR A 208 -7.94 -0.61 -14.86
N ILE A 209 -6.79 -0.55 -14.19
CA ILE A 209 -5.48 -0.60 -14.82
C ILE A 209 -4.80 -1.94 -14.57
N GLU A 210 -4.16 -2.47 -15.63
CA GLU A 210 -3.29 -3.63 -15.46
C GLU A 210 -1.85 -3.20 -15.16
N MET A 211 -1.36 -3.60 -14.00
CA MET A 211 -0.04 -3.19 -13.58
C MET A 211 1.05 -4.10 -14.10
N THR A 212 2.28 -3.71 -13.84
CA THR A 212 3.44 -4.45 -14.26
C THR A 212 4.00 -5.10 -13.00
N PRO A 213 4.21 -6.44 -13.02
CA PRO A 213 4.77 -7.13 -11.85
C PRO A 213 6.22 -6.76 -11.66
N THR A 214 6.59 -6.52 -10.41
CA THR A 214 7.99 -6.24 -10.08
C THR A 214 8.29 -6.87 -8.74
N SER A 215 9.57 -7.16 -8.50
CA SER A 215 9.99 -7.74 -7.22
C SER A 215 10.76 -6.70 -6.41
N THR A 216 11.06 -5.54 -7.02
CA THR A 216 11.78 -4.47 -6.31
C THR A 216 11.31 -3.07 -6.66
N ALA A 217 11.69 -2.10 -5.82
CA ALA A 217 11.40 -0.70 -6.10
C ALA A 217 12.60 0.01 -6.77
N TYR A 218 13.51 -0.78 -7.33
CA TYR A 218 14.77 -0.25 -7.82
C TYR A 218 15.02 -0.48 -9.30
N PHE A 219 15.97 0.29 -9.85
CA PHE A 219 16.39 0.11 -11.24
C PHE A 219 17.84 -0.30 -11.35
N ILE A 220 18.18 -1.04 -12.40
CA ILE A 220 19.57 -1.20 -12.78
C ILE A 220 19.79 -0.41 -14.08
N ALA A 221 20.68 0.57 -14.00
CA ALA A 221 20.84 1.60 -15.02
C ALA A 221 22.23 1.58 -15.63
N ASP A 222 22.30 1.73 -16.95
CA ASP A 222 23.56 2.00 -17.62
C ASP A 222 23.52 3.44 -18.10
N GLY A 223 24.64 4.13 -18.00
CA GLY A 223 24.71 5.52 -18.43
C GLY A 223 25.72 5.68 -19.52
N ASP A 224 25.41 6.55 -20.49
CA ASP A 224 26.31 6.86 -21.59
C ASP A 224 26.26 8.33 -21.93
N VAL A 225 27.41 8.87 -22.31
CA VAL A 225 27.54 10.25 -22.68
C VAL A 225 28.08 10.33 -24.11
N THR A 226 27.37 11.06 -24.96
CA THR A 226 27.82 11.29 -26.34
C THR A 226 28.32 12.72 -26.48
N ALA A 227 29.12 12.98 -27.51
CA ALA A 227 29.73 14.30 -27.75
C ALA A 227 29.07 15.10 -28.88
N SER A 228 28.10 14.51 -29.55
CA SER A 228 27.43 15.21 -30.64
C SER A 228 26.07 14.62 -30.95
N LEU A 229 25.30 15.38 -31.72
CA LEU A 229 23.98 14.96 -32.16
C LEU A 229 24.07 13.70 -33.00
N ASP A 230 25.00 13.71 -33.95
CA ASP A 230 25.24 12.56 -34.81
C ASP A 230 25.47 11.29 -33.96
N GLU A 231 26.14 11.43 -32.82
CA GLU A 231 26.41 10.29 -31.94
C GLU A 231 25.16 9.84 -31.15
N THR A 232 24.44 10.82 -30.63
CA THR A 232 23.19 10.58 -29.93
C THR A 232 22.21 9.75 -30.78
N ILE A 233 22.07 10.11 -32.05
CA ILE A 233 21.22 9.36 -32.97
C ILE A 233 21.80 7.97 -33.17
N ALA A 234 23.12 7.92 -33.34
CA ALA A 234 23.84 6.68 -33.59
C ALA A 234 23.54 5.66 -32.50
N LEU A 235 23.66 6.12 -31.26
CA LEU A 235 23.44 5.28 -30.07
C LEU A 235 21.99 4.79 -30.00
N HIS A 236 21.09 5.55 -30.60
CA HIS A 236 19.67 5.23 -30.47
C HIS A 236 19.14 4.33 -31.58
N SER A 237 19.92 4.15 -32.63
CA SER A 237 19.48 3.27 -33.72
C SER A 237 20.46 2.13 -33.99
N ASP A 238 21.32 1.81 -33.02
CA ASP A 238 22.28 0.74 -33.22
C ASP A 238 21.73 -0.62 -32.80
N GLY A 239 20.62 -0.58 -32.07
CA GLY A 239 19.97 -1.80 -31.61
C GLY A 239 19.95 -1.95 -30.10
N SER A 240 20.89 -1.29 -29.42
CA SER A 240 21.06 -1.42 -27.97
C SER A 240 19.82 -1.02 -27.16
N GLU A 241 18.90 -0.32 -27.80
CA GLU A 241 17.72 0.18 -27.12
C GLU A 241 16.75 -0.96 -26.75
N ALA A 242 16.81 -2.04 -27.52
CA ALA A 242 15.97 -3.21 -27.27
C ALA A 242 16.37 -3.96 -25.99
N ARG A 243 17.57 -3.69 -25.48
CA ARG A 243 18.08 -4.29 -24.26
C ARG A 243 17.60 -3.56 -23.00
N TYR A 244 16.93 -2.42 -23.18
CA TYR A 244 16.47 -1.65 -22.03
C TYR A 244 14.96 -1.42 -22.06
N THR A 245 14.32 -1.49 -20.90
CA THR A 245 12.89 -1.19 -20.85
C THR A 245 12.66 0.32 -20.71
N TYR A 246 13.58 1.01 -20.07
CA TYR A 246 13.48 2.44 -19.82
C TYR A 246 14.67 3.11 -20.47
N SER A 247 14.45 4.27 -21.09
CA SER A 247 15.51 5.00 -21.78
C SER A 247 15.11 6.47 -21.99
N SER A 248 16.00 7.39 -21.64
CA SER A 248 15.82 8.80 -21.97
C SER A 248 17.16 9.52 -21.90
N ALA A 249 17.19 10.79 -22.30
CA ALA A 249 18.48 11.51 -22.31
C ALA A 249 18.38 13.00 -22.03
N TRP A 250 19.36 13.56 -21.32
CA TRP A 250 19.48 15.01 -21.26
C TRP A 250 20.24 15.47 -22.51
N PHE A 251 19.78 16.58 -23.10
CA PHE A 251 20.13 16.96 -24.47
C PHE A 251 20.66 18.39 -24.54
N ASP A 252 21.89 18.59 -25.02
CA ASP A 252 22.41 19.97 -25.24
C ASP A 252 21.74 20.59 -26.46
N ALA A 253 20.89 21.59 -26.23
CA ALA A 253 20.28 22.36 -27.34
C ALA A 253 20.89 23.76 -27.54
N ILE A 254 21.93 24.09 -26.78
CA ILE A 254 22.47 25.45 -26.80
C ILE A 254 23.76 25.58 -27.61
N SER A 255 24.67 24.63 -27.43
CA SER A 255 25.97 24.71 -28.10
C SER A 255 25.86 24.61 -29.62
N ALA A 256 26.70 25.34 -30.34
CA ALA A 256 26.77 25.20 -31.79
C ALA A 256 27.40 23.83 -32.08
N PRO A 257 27.16 23.28 -33.29
CA PRO A 257 27.82 22.01 -33.65
C PRO A 257 29.32 22.22 -33.62
N PRO A 258 30.10 21.18 -33.26
CA PRO A 258 29.72 19.76 -33.12
C PRO A 258 29.00 19.42 -31.81
N LYS A 259 29.23 20.21 -30.77
CA LYS A 259 28.65 19.94 -29.46
C LYS A 259 27.13 19.93 -29.41
N LEU A 260 26.47 20.48 -30.42
CA LEU A 260 25.02 20.45 -30.49
C LEU A 260 24.44 19.03 -30.49
N GLY A 261 23.55 18.73 -29.55
CA GLY A 261 22.88 17.44 -29.54
C GLY A 261 23.68 16.34 -28.84
N ARG A 262 24.78 16.74 -28.20
CA ARG A 262 25.48 15.86 -27.28
C ARG A 262 24.46 15.53 -26.16
N ALA A 263 24.65 14.40 -25.49
CA ALA A 263 23.64 13.96 -24.53
C ALA A 263 24.18 13.08 -23.40
N ALA A 264 23.45 13.06 -22.29
CA ALA A 264 23.70 12.10 -21.23
C ALA A 264 22.54 11.12 -21.24
N VAL A 265 22.84 9.89 -21.61
CA VAL A 265 21.81 8.87 -21.77
C VAL A 265 21.71 7.98 -20.53
N SER A 266 20.49 7.85 -20.02
CA SER A 266 20.23 7.01 -18.88
C SER A 266 19.24 5.94 -19.31
N ARG A 267 19.70 4.70 -19.30
CA ARG A 267 18.89 3.58 -19.77
C ARG A 267 18.97 2.45 -18.76
N GLY A 268 17.88 1.72 -18.60
CA GLY A 268 17.89 0.65 -17.65
C GLY A 268 16.62 -0.17 -17.60
N ARG A 269 16.48 -0.89 -16.49
CA ARG A 269 15.36 -1.78 -16.27
C ARG A 269 15.16 -2.00 -14.78
N LEU A 270 13.95 -2.40 -14.38
CA LEU A 270 13.68 -2.73 -12.99
C LEU A 270 14.55 -3.90 -12.52
N ALA A 271 15.20 -3.73 -11.38
CA ALA A 271 16.01 -4.80 -10.82
C ALA A 271 15.13 -5.89 -10.24
N THR A 272 15.69 -7.09 -10.20
CA THR A 272 15.12 -8.19 -9.46
C THR A 272 15.89 -8.21 -8.15
N VAL A 273 15.35 -8.96 -7.18
CA VAL A 273 15.83 -8.95 -5.81
C VAL A 273 17.28 -9.43 -5.70
N GLU A 274 17.63 -10.43 -6.51
CA GLU A 274 18.99 -10.97 -6.50
C GLU A 274 20.05 -9.96 -7.00
N GLN A 275 19.61 -8.92 -7.70
CA GLN A 275 20.53 -7.88 -8.20
C GLN A 275 20.75 -6.75 -7.21
N LEU A 276 19.91 -6.68 -6.18
CA LEU A 276 20.08 -5.69 -5.11
C LEU A 276 21.30 -5.99 -4.27
N PRO A 277 21.99 -4.95 -3.78
CA PRO A 277 23.02 -5.16 -2.77
C PRO A 277 22.40 -5.66 -1.47
N ALA A 278 23.20 -6.26 -0.60
CA ALA A 278 22.69 -6.93 0.60
C ALA A 278 21.83 -6.03 1.49
N LYS A 279 22.32 -4.82 1.77
CA LYS A 279 21.65 -3.88 2.66
C LYS A 279 20.20 -3.61 2.25
N LEU A 280 19.91 -3.76 0.96
CA LEU A 280 18.61 -3.42 0.40
C LEU A 280 17.71 -4.66 0.17
N ARG A 281 18.26 -5.86 0.32
CA ARG A 281 17.51 -7.06 -0.04
C ARG A 281 16.50 -7.54 1.01
N SER A 282 16.52 -6.95 2.21
CA SER A 282 15.52 -7.31 3.21
C SER A 282 14.24 -6.50 3.00
N GLU A 283 14.37 -5.35 2.35
CA GLU A 283 13.23 -4.50 2.07
C GLU A 283 13.18 -4.06 0.58
N PRO A 284 12.96 -5.03 -0.32
CA PRO A 284 13.17 -4.82 -1.77
C PRO A 284 12.16 -3.89 -2.43
N LEU A 285 10.99 -3.72 -1.83
CA LEU A 285 9.87 -3.01 -2.43
C LEU A 285 9.56 -1.70 -1.73
N LYS A 286 10.35 -1.34 -0.73
CA LYS A 286 10.03 -0.14 0.02
C LYS A 286 10.47 1.09 -0.77
N PHE A 287 9.64 2.12 -0.83
CA PHE A 287 10.15 3.41 -1.30
C PHE A 287 10.18 4.40 -0.15
N ASP A 288 11.31 5.07 -0.01
CA ASP A 288 11.54 5.99 1.11
C ASP A 288 12.51 7.08 0.70
N ALA A 304 29.55 24.57 -9.59
CA ALA A 304 29.94 25.40 -10.73
C ALA A 304 31.23 26.16 -10.43
N ASN A 305 32.35 25.56 -10.83
CA ASN A 305 33.68 26.08 -10.52
C ASN A 305 34.40 26.65 -11.73
N LYS A 306 35.70 26.86 -11.60
CA LYS A 306 36.51 27.43 -12.67
C LYS A 306 36.87 26.40 -13.73
N TYR A 307 36.57 25.14 -13.43
CA TYR A 307 36.90 24.02 -14.28
C TYR A 307 35.72 23.63 -15.15
N THR A 308 34.53 24.06 -14.75
CA THR A 308 33.29 23.52 -15.30
C THR A 308 33.14 23.61 -16.82
N PHE A 309 33.57 24.71 -17.41
CA PHE A 309 33.39 24.88 -18.84
C PHE A 309 34.69 24.60 -19.60
N GLY A 310 35.62 23.95 -18.91
CA GLY A 310 36.92 23.62 -19.50
C GLY A 310 37.10 22.13 -19.73
N PRO A 311 38.27 21.74 -20.24
CA PRO A 311 38.59 20.35 -20.58
C PRO A 311 38.48 19.37 -19.41
N ILE A 312 38.84 19.80 -18.20
CA ILE A 312 38.78 18.91 -17.02
C ILE A 312 37.35 18.56 -16.64
N GLY A 313 36.43 19.52 -16.81
CA GLY A 313 35.06 19.21 -16.50
C GLY A 313 34.39 18.50 -17.65
N GLU A 314 34.90 18.68 -18.86
CA GLU A 314 34.45 17.84 -19.96
C GLU A 314 34.74 16.38 -19.58
N LEU A 315 35.98 16.09 -19.17
CA LEU A 315 36.31 14.77 -18.67
C LEU A 315 35.45 14.32 -17.51
N TRP A 316 35.21 15.22 -16.55
CA TRP A 316 34.42 14.87 -15.36
C TRP A 316 33.00 14.44 -15.73
N TYR A 317 32.29 15.32 -16.42
CA TYR A 317 30.93 15.03 -16.86
C TYR A 317 30.87 13.71 -17.65
N ARG A 318 31.81 13.53 -18.57
CA ARG A 318 31.90 12.28 -19.34
C ARG A 318 32.07 11.05 -18.42
N LYS A 319 32.93 11.18 -17.43
CA LYS A 319 33.22 10.09 -16.52
C LYS A 319 32.01 9.80 -15.63
N SER A 320 31.46 10.84 -15.00
CA SER A 320 30.30 10.64 -14.12
C SER A 320 29.04 10.21 -14.87
N GLY A 321 28.99 10.44 -16.18
CA GLY A 321 27.84 10.03 -16.96
C GLY A 321 27.95 8.66 -17.60
N THR A 322 29.06 7.97 -17.37
CA THR A 322 29.35 6.69 -18.01
C THR A 322 29.47 5.61 -16.93
N TYR A 323 28.46 4.76 -16.83
CA TYR A 323 28.43 3.73 -15.79
C TYR A 323 27.57 2.54 -16.23
N ARG A 324 27.83 1.40 -15.62
CA ARG A 324 27.10 0.17 -15.91
C ARG A 324 26.58 -0.52 -14.65
N GLY A 325 25.38 -1.07 -14.74
CA GLY A 325 24.80 -1.84 -13.65
C GLY A 325 24.68 -1.11 -12.34
N LYS A 326 24.35 0.18 -12.40
CA LYS A 326 24.17 0.95 -11.18
C LYS A 326 22.74 0.79 -10.72
N VAL A 327 22.55 0.46 -9.46
CA VAL A 327 21.19 0.36 -8.93
C VAL A 327 20.73 1.69 -8.34
N GLN A 328 19.52 2.10 -8.72
CA GLN A 328 19.00 3.39 -8.35
C GLN A 328 17.56 3.26 -7.88
N ASN A 329 17.17 4.09 -6.93
CA ASN A 329 15.76 4.14 -6.58
C ASN A 329 15.03 4.96 -7.62
N LEU A 330 13.76 5.24 -7.37
CA LEU A 330 12.96 5.94 -8.34
C LEU A 330 13.44 7.37 -8.53
N THR A 331 13.67 8.06 -7.41
CA THR A 331 14.07 9.45 -7.48
C THR A 331 15.40 9.61 -8.20
N GLN A 332 16.36 8.72 -7.91
CA GLN A 332 17.67 8.76 -8.57
C GLN A 332 17.60 8.48 -10.07
N PHE A 333 16.78 7.50 -10.44
CA PHE A 333 16.69 7.09 -11.83
C PHE A 333 15.74 7.97 -12.63
N TYR A 334 14.61 8.35 -12.03
CA TYR A 334 13.48 8.89 -12.78
C TYR A 334 13.24 10.37 -12.51
N HIS A 335 13.65 10.81 -11.34
CA HIS A 335 13.44 12.19 -10.91
C HIS A 335 14.78 12.92 -10.77
N PRO A 336 15.48 13.09 -11.88
CA PRO A 336 16.76 13.79 -11.86
C PRO A 336 16.63 15.27 -11.44
N LEU A 337 15.91 15.49 -10.34
CA LEU A 337 15.62 16.83 -9.83
C LEU A 337 15.02 16.73 -8.42
N PRO A 349 8.93 26.87 -13.80
CA PRO A 349 8.28 27.88 -12.98
C PRO A 349 7.62 28.98 -13.83
N ALA A 350 7.85 30.24 -13.46
CA ALA A 350 7.09 31.36 -14.02
C ALA A 350 7.22 31.57 -15.53
N GLY A 351 8.29 32.22 -15.98
CA GLY A 351 8.36 32.75 -17.33
C GLY A 351 9.03 31.89 -18.39
N PHE A 352 8.47 30.71 -18.62
CA PHE A 352 9.02 29.78 -19.62
C PHE A 352 7.95 29.23 -20.54
N LEU A 353 8.39 28.73 -21.70
CA LEU A 353 7.47 28.13 -22.64
C LEU A 353 7.91 26.73 -22.95
N GLN A 354 7.14 25.79 -22.41
CA GLN A 354 7.29 24.39 -22.66
C GLN A 354 6.95 24.10 -24.11
N TYR A 355 7.71 23.24 -24.75
CA TYR A 355 7.48 22.88 -26.14
C TYR A 355 7.98 21.47 -26.41
N GLN A 356 7.08 20.58 -26.82
CA GLN A 356 7.42 19.17 -27.03
C GLN A 356 6.89 18.69 -28.38
N PHE A 357 7.72 17.98 -29.13
CA PHE A 357 7.22 17.44 -30.38
C PHE A 357 7.87 16.10 -30.65
N VAL A 358 7.29 15.33 -31.56
CA VAL A 358 7.95 14.11 -32.02
C VAL A 358 8.05 14.18 -33.55
N ILE A 359 9.17 13.68 -34.08
CA ILE A 359 9.40 13.58 -35.52
C ILE A 359 9.53 12.11 -35.90
N PRO A 360 8.81 11.68 -36.95
CA PRO A 360 8.80 10.25 -37.34
C PRO A 360 10.22 9.72 -37.49
N THR A 361 10.39 8.43 -37.17
CA THR A 361 11.71 7.81 -37.07
C THR A 361 12.55 7.97 -38.33
N GLU A 362 11.95 7.66 -39.48
CA GLU A 362 12.66 7.72 -40.75
C GLU A 362 13.19 9.12 -41.05
N ALA A 363 12.43 10.14 -40.67
CA ALA A 363 12.78 11.52 -40.97
C ALA A 363 13.91 12.03 -40.11
N VAL A 364 15.02 11.30 -40.09
CA VAL A 364 16.10 11.61 -39.17
C VAL A 364 16.89 12.89 -39.55
N ASP A 365 17.15 13.05 -40.84
CA ASP A 365 17.81 14.28 -41.31
C ASP A 365 16.99 15.56 -41.04
N GLU A 366 15.68 15.49 -41.23
CA GLU A 366 14.77 16.56 -40.84
C GLU A 366 14.78 16.87 -39.34
N PHE A 367 14.90 15.82 -38.51
CA PHE A 367 15.00 16.01 -37.06
C PHE A 367 16.25 16.81 -36.73
N LYS A 368 17.36 16.47 -37.38
CA LYS A 368 18.62 17.16 -37.14
C LYS A 368 18.54 18.62 -37.57
N LYS A 369 17.81 18.83 -38.66
CA LYS A 369 17.50 20.15 -39.16
C LYS A 369 16.79 21.01 -38.10
N ILE A 370 15.69 20.49 -37.53
CA ILE A 370 14.93 21.23 -36.52
C ILE A 370 15.77 21.63 -35.31
N ILE A 371 16.60 20.72 -34.84
CA ILE A 371 17.51 21.02 -33.74
C ILE A 371 18.49 22.13 -34.12
N GLY A 372 19.04 22.03 -35.33
CA GLY A 372 19.84 23.11 -35.88
C GLY A 372 19.13 24.46 -35.88
N VAL A 373 17.87 24.49 -36.30
CA VAL A 373 17.08 25.71 -36.28
C VAL A 373 16.93 26.26 -34.86
N ILE A 374 16.68 25.35 -33.91
CA ILE A 374 16.53 25.74 -32.52
C ILE A 374 17.78 26.43 -31.95
N GLN A 375 18.99 25.84 -32.06
CA GLN A 375 20.13 26.51 -31.40
C GLN A 375 20.56 27.83 -32.01
N ALA A 376 20.45 27.95 -33.33
CA ALA A 376 20.79 29.19 -34.05
C ALA A 376 19.68 30.23 -33.98
N SER A 377 18.65 29.94 -33.21
CA SER A 377 17.51 30.85 -33.08
C SER A 377 17.78 31.97 -32.08
N GLY A 378 18.80 31.81 -31.24
CA GLY A 378 19.03 32.75 -30.17
C GLY A 378 18.07 32.57 -29.00
N HIS A 379 17.27 31.50 -29.08
CA HIS A 379 16.41 31.12 -27.97
C HIS A 379 17.04 29.92 -27.28
N TYR A 380 17.40 30.08 -26.01
CA TYR A 380 18.21 29.07 -25.35
C TYR A 380 17.45 28.21 -24.33
N SER A 381 17.37 26.93 -24.60
CA SER A 381 16.75 25.97 -23.69
C SER A 381 17.84 25.13 -23.01
N PHE A 382 17.94 25.21 -21.68
CA PHE A 382 18.93 24.42 -20.95
C PHE A 382 18.40 23.05 -20.47
N LEU A 383 17.08 22.93 -20.29
CA LEU A 383 16.50 21.67 -19.81
C LEU A 383 15.80 20.85 -20.89
N ASN A 384 16.57 20.04 -21.60
CA ASN A 384 16.03 19.28 -22.72
C ASN A 384 16.04 17.76 -22.54
N VAL A 385 14.89 17.15 -22.78
CA VAL A 385 14.74 15.72 -22.64
C VAL A 385 14.48 15.06 -24.00
N PHE A 386 15.32 14.12 -24.38
CA PHE A 386 15.20 13.40 -25.65
C PHE A 386 14.85 11.91 -25.42
N LYS A 387 14.05 11.33 -26.31
CA LYS A 387 13.78 9.91 -26.28
C LYS A 387 13.34 9.40 -27.66
N LEU A 388 13.66 8.15 -27.97
CA LEU A 388 13.07 7.48 -29.13
C LEU A 388 11.76 6.76 -28.71
N PHE A 389 10.60 7.24 -29.21
CA PHE A 389 9.32 6.58 -28.96
C PHE A 389 9.22 5.28 -29.75
N GLY A 390 8.48 4.30 -29.21
CA GLY A 390 8.19 3.08 -29.97
C GLY A 390 6.84 3.17 -30.68
N PRO A 391 6.27 2.02 -31.04
CA PRO A 391 4.97 1.91 -31.72
C PRO A 391 3.87 2.73 -31.05
N ARG A 392 2.95 3.24 -31.87
CA ARG A 392 1.80 4.02 -31.38
C ARG A 392 0.64 3.09 -31.08
N ASN A 393 -0.41 3.64 -30.49
CA ASN A 393 -1.59 2.83 -30.20
C ASN A 393 -2.72 3.28 -31.10
N GLN A 394 -3.93 2.77 -30.87
CA GLN A 394 -5.04 3.05 -31.78
C GLN A 394 -5.89 4.28 -31.44
N ALA A 395 -5.56 4.99 -30.37
CA ALA A 395 -6.25 6.25 -30.08
C ALA A 395 -5.99 7.30 -31.18
N PRO A 396 -7.06 7.85 -31.79
CA PRO A 396 -6.83 8.79 -32.90
C PRO A 396 -6.09 10.07 -32.51
N LEU A 397 -6.30 10.60 -31.31
CA LEU A 397 -5.61 11.80 -30.85
C LEU A 397 -4.41 11.52 -29.93
N SER A 398 -3.93 10.29 -29.93
CA SER A 398 -2.75 9.95 -29.15
C SER A 398 -1.52 10.66 -29.68
N PHE A 399 -0.78 11.36 -28.81
CA PHE A 399 0.44 12.07 -29.24
C PHE A 399 1.63 11.20 -29.75
N PRO A 400 2.07 10.19 -28.96
CA PRO A 400 3.29 9.48 -29.37
C PRO A 400 3.17 8.72 -30.68
N ILE A 401 4.20 8.82 -31.49
CA ILE A 401 4.36 7.96 -32.66
C ILE A 401 5.81 7.56 -32.68
N PRO A 402 6.13 6.45 -33.36
CA PRO A 402 7.53 6.04 -33.35
C PRO A 402 8.40 7.11 -33.98
N GLY A 403 9.37 7.61 -33.20
CA GLY A 403 10.28 8.61 -33.69
C GLY A 403 10.92 9.43 -32.61
N TRP A 404 11.59 10.49 -33.04
CA TRP A 404 12.46 11.31 -32.21
C TRP A 404 11.67 12.35 -31.45
N ASN A 405 11.65 12.22 -30.13
CA ASN A 405 10.86 13.10 -29.29
C ASN A 405 11.77 13.99 -28.45
N ILE A 406 11.34 15.23 -28.19
CA ILE A 406 12.14 16.18 -27.41
C ILE A 406 11.25 17.14 -26.66
N CYS A 407 11.63 17.49 -25.44
CA CYS A 407 10.94 18.58 -24.70
C CYS A 407 11.95 19.64 -24.46
N VAL A 408 11.56 20.87 -24.72
CA VAL A 408 12.45 22.01 -24.49
C VAL A 408 11.70 23.03 -23.67
N ASP A 409 12.46 24.00 -23.18
CA ASP A 409 11.93 24.96 -22.25
C ASP A 409 12.56 26.33 -22.54
N PHE A 410 11.79 27.21 -23.20
CA PHE A 410 12.33 28.50 -23.65
C PHE A 410 11.96 29.60 -22.69
N PRO A 411 12.95 30.40 -22.29
CA PRO A 411 12.65 31.61 -21.51
C PRO A 411 11.75 32.50 -22.35
N ILE A 412 10.66 33.01 -21.77
CA ILE A 412 9.80 33.88 -22.52
C ILE A 412 10.46 35.23 -22.84
N LYS A 413 10.47 35.56 -24.14
CA LYS A 413 11.30 36.63 -24.71
C LYS A 413 10.71 37.21 -26.00
N ASP A 414 11.21 38.39 -26.41
CA ASP A 414 10.87 39.01 -27.69
C ASP A 414 11.09 38.08 -28.90
N GLY A 415 10.03 37.83 -29.65
CA GLY A 415 10.15 37.07 -30.87
C GLY A 415 9.90 35.58 -30.73
N LEU A 416 9.77 35.09 -29.49
CA LEU A 416 9.63 33.66 -29.24
C LEU A 416 8.31 33.14 -29.78
N GLY A 417 7.25 33.93 -29.62
CA GLY A 417 5.94 33.57 -30.10
C GLY A 417 5.96 33.32 -31.59
N LYS A 418 6.57 34.23 -32.34
CA LYS A 418 6.61 34.04 -33.78
C LYS A 418 7.58 32.92 -34.16
N PHE A 419 8.65 32.76 -33.40
CA PHE A 419 9.57 31.64 -33.64
C PHE A 419 8.93 30.24 -33.44
N VAL A 420 8.06 30.07 -32.44
CA VAL A 420 7.48 28.75 -32.22
C VAL A 420 6.41 28.39 -33.26
N SER A 421 5.67 29.40 -33.71
CA SER A 421 4.82 29.22 -34.88
C SER A 421 5.60 28.63 -36.04
N GLU A 422 6.80 29.17 -36.27
CA GLU A 422 7.65 28.67 -37.33
C GLU A 422 8.09 27.24 -37.07
N LEU A 423 8.45 26.93 -35.82
CA LEU A 423 8.74 25.56 -35.42
C LEU A 423 7.55 24.64 -35.69
N ASP A 424 6.36 25.08 -35.29
CA ASP A 424 5.13 24.35 -35.58
C ASP A 424 5.09 23.95 -37.05
N ARG A 425 5.41 24.90 -37.92
CA ARG A 425 5.38 24.68 -39.36
C ARG A 425 6.37 23.60 -39.77
N ARG A 426 7.57 23.66 -39.22
CA ARG A 426 8.60 22.68 -39.47
C ARG A 426 8.20 21.29 -39.00
N VAL A 427 7.65 21.22 -37.78
CA VAL A 427 7.26 19.95 -37.17
C VAL A 427 6.18 19.34 -38.05
N LEU A 428 5.21 20.18 -38.45
CA LEU A 428 4.12 19.74 -39.29
C LEU A 428 4.67 19.17 -40.61
N GLU A 429 5.43 19.99 -41.33
CA GLU A 429 6.02 19.62 -42.62
C GLU A 429 6.85 18.34 -42.53
N PHE A 430 7.46 18.10 -41.37
CA PHE A 430 8.29 16.91 -41.18
C PHE A 430 7.50 15.70 -40.67
N GLY A 431 6.17 15.78 -40.71
CA GLY A 431 5.32 14.66 -40.38
C GLY A 431 5.12 14.42 -38.89
N GLY A 432 5.57 15.36 -38.06
CA GLY A 432 5.50 15.25 -36.62
C GLY A 432 4.29 15.92 -36.01
N ARG A 433 4.26 16.03 -34.68
CA ARG A 433 3.14 16.69 -34.01
C ARG A 433 3.58 17.24 -32.69
N LEU A 434 2.76 18.11 -32.11
CA LEU A 434 2.99 18.53 -30.74
C LEU A 434 1.94 17.90 -29.81
N TYR A 435 2.27 17.96 -28.53
CA TYR A 435 1.53 17.38 -27.42
C TYR A 435 0.58 18.42 -26.81
N THR A 436 -0.72 18.11 -26.77
CA THR A 436 -1.72 19.01 -26.19
C THR A 436 -1.49 19.32 -24.71
N ALA A 437 -0.86 18.39 -24.00
CA ALA A 437 -0.56 18.61 -22.57
C ALA A 437 0.49 19.70 -22.42
N LYS A 438 1.32 19.89 -23.43
CA LYS A 438 2.39 20.87 -23.36
C LYS A 438 2.07 22.15 -24.15
N ASP A 439 0.86 22.26 -24.68
CA ASP A 439 0.54 23.32 -25.64
C ASP A 439 -0.60 24.23 -25.23
N SER A 440 -0.43 25.51 -25.53
CA SER A 440 -1.43 26.51 -25.24
C SER A 440 -1.59 27.52 -26.38
N ARG A 441 -0.71 27.45 -27.39
CA ARG A 441 -0.67 28.48 -28.43
C ARG A 441 -0.70 28.07 -29.93
N THR A 442 -0.66 26.78 -30.26
CA THR A 442 -0.79 26.37 -31.67
C THR A 442 -2.19 26.63 -32.27
N THR A 443 -2.28 26.70 -33.60
CA THR A 443 -3.56 26.94 -34.27
C THR A 443 -4.32 25.64 -34.56
N ALA A 444 -5.63 25.78 -34.74
CA ALA A 444 -6.49 24.67 -35.13
C ALA A 444 -6.02 24.06 -36.44
N GLU A 445 -5.68 24.90 -37.40
CA GLU A 445 -5.24 24.44 -38.70
C GLU A 445 -3.99 23.59 -38.59
N THR A 446 -3.01 24.08 -37.83
CA THR A 446 -1.78 23.32 -37.58
C THR A 446 -2.07 21.98 -36.86
N PHE A 447 -2.94 22.00 -35.86
CA PHE A 447 -3.27 20.81 -35.08
C PHE A 447 -3.91 19.74 -35.95
N HIS A 448 -4.93 20.15 -36.70
CA HIS A 448 -5.69 19.22 -37.54
C HIS A 448 -4.83 18.56 -38.60
N ALA A 449 -3.86 19.29 -39.11
CA ALA A 449 -2.92 18.71 -40.07
C ALA A 449 -1.95 17.74 -39.36
N MET A 450 -1.58 18.05 -38.12
CA MET A 450 -0.67 17.18 -37.37
C MET A 450 -1.34 15.85 -36.92
N TYR A 451 -2.65 15.88 -36.80
CA TYR A 451 -3.41 14.72 -36.35
C TYR A 451 -4.43 14.35 -37.41
N PRO A 452 -4.00 13.63 -38.43
CA PRO A 452 -4.88 13.40 -39.60
C PRO A 452 -6.16 12.60 -39.26
N ARG A 453 -6.16 11.89 -38.13
CA ARG A 453 -7.34 11.15 -37.73
C ARG A 453 -8.29 12.00 -36.89
N VAL A 454 -8.02 13.30 -36.79
CA VAL A 454 -8.88 14.19 -36.01
C VAL A 454 -10.35 14.16 -36.45
N ASP A 455 -10.59 14.15 -37.76
CA ASP A 455 -11.96 14.08 -38.29
C ASP A 455 -12.62 12.78 -37.86
N GLU A 456 -11.88 11.68 -37.90
CA GLU A 456 -12.36 10.40 -37.38
C GLU A 456 -12.75 10.59 -35.92
N TRP A 457 -11.88 11.23 -35.16
CA TRP A 457 -12.13 11.43 -33.73
C TRP A 457 -13.37 12.31 -33.49
N ILE A 458 -13.39 13.47 -34.12
CA ILE A 458 -14.49 14.40 -33.98
C ILE A 458 -15.84 13.73 -34.23
N SER A 459 -15.88 12.88 -35.25
CA SER A 459 -17.09 12.14 -35.58
C SER A 459 -17.54 11.24 -34.42
N VAL A 460 -16.58 10.62 -33.74
CA VAL A 460 -16.90 9.82 -32.55
C VAL A 460 -17.45 10.71 -31.44
N ARG A 461 -16.85 11.89 -31.30
CA ARG A 461 -17.27 12.84 -30.28
C ARG A 461 -18.68 13.36 -30.51
N ARG A 462 -19.10 13.47 -31.77
CA ARG A 462 -20.40 14.01 -32.11
C ARG A 462 -21.53 13.05 -31.77
N LYS A 463 -21.27 11.75 -31.89
CA LYS A 463 -22.22 10.74 -31.44
C LYS A 463 -22.48 10.89 -29.95
N VAL A 464 -21.39 10.94 -29.19
CA VAL A 464 -21.47 10.83 -27.74
C VAL A 464 -21.78 12.19 -27.10
N ASP A 465 -21.65 13.26 -27.87
CA ASP A 465 -21.96 14.58 -27.33
C ASP A 465 -22.55 15.50 -28.41
N PRO A 466 -23.80 15.22 -28.80
CA PRO A 466 -24.47 15.98 -29.86
C PRO A 466 -24.66 17.43 -29.42
N LEU A 467 -24.96 17.61 -28.14
CA LEU A 467 -25.26 18.94 -27.61
C LEU A 467 -24.05 19.73 -27.11
N ARG A 468 -22.86 19.18 -27.31
CA ARG A 468 -21.62 19.85 -26.92
C ARG A 468 -21.61 20.12 -25.40
N VAL A 469 -22.14 19.17 -24.64
CA VAL A 469 -22.12 19.25 -23.17
C VAL A 469 -20.69 19.39 -22.62
N PHE A 470 -19.72 18.75 -23.27
CA PHE A 470 -18.35 18.81 -22.81
C PHE A 470 -17.49 19.72 -23.68
N ALA A 471 -16.86 20.71 -23.05
CA ALA A 471 -16.15 21.77 -23.76
C ALA A 471 -15.03 22.35 -22.89
N SER A 472 -13.97 22.84 -23.54
CA SER A 472 -12.87 23.47 -22.83
C SER A 472 -12.28 24.63 -23.62
N ASP A 473 -11.41 25.41 -22.98
CA ASP A 473 -10.68 26.44 -23.71
C ASP A 473 -9.96 25.84 -24.91
N MET A 474 -9.33 24.68 -24.71
CA MET A 474 -8.58 24.04 -25.78
C MET A 474 -9.46 23.56 -26.94
N ALA A 475 -10.57 22.92 -26.60
CA ALA A 475 -11.56 22.50 -27.60
C ALA A 475 -11.98 23.65 -28.53
N ARG A 476 -12.17 24.83 -27.99
CA ARG A 476 -12.61 25.96 -28.80
C ARG A 476 -11.47 26.50 -29.65
N ARG A 477 -10.29 26.59 -29.04
CA ARG A 477 -9.11 27.06 -29.74
C ARG A 477 -8.74 26.10 -30.85
N LEU A 478 -8.79 24.80 -30.57
CA LEU A 478 -8.35 23.82 -31.54
C LEU A 478 -9.49 23.33 -32.42
N GLU A 479 -10.69 23.87 -32.20
CA GLU A 479 -11.86 23.46 -32.97
C GLU A 479 -12.11 21.95 -32.91
N LEU A 480 -12.14 21.42 -31.70
CA LEU A 480 -12.48 20.03 -31.46
C LEU A 480 -13.90 19.99 -30.90
N LEU A 481 -14.48 21.17 -30.75
CA LEU A 481 -15.76 21.32 -30.09
C LEU A 481 -16.88 20.55 -30.78
N THR B 27 16.36 -30.50 1.72
CA THR B 27 15.05 -29.90 1.89
C THR B 27 14.89 -29.24 3.27
N THR B 28 15.29 -29.96 4.32
CA THR B 28 15.22 -29.45 5.69
C THR B 28 16.62 -29.25 6.29
N THR B 29 16.72 -28.29 7.21
CA THR B 29 17.96 -28.08 7.95
C THR B 29 17.72 -28.31 9.44
N ALA B 30 18.59 -29.08 10.08
CA ALA B 30 18.52 -29.26 11.52
C ALA B 30 18.84 -27.92 12.17
N THR B 31 17.92 -27.43 12.99
CA THR B 31 18.07 -26.14 13.66
C THR B 31 17.78 -26.34 15.15
N ARG B 32 18.23 -25.41 15.99
CA ARG B 32 17.85 -25.44 17.40
C ARG B 32 16.83 -24.35 17.65
N LEU B 33 15.66 -24.72 18.16
CA LEU B 33 14.54 -23.80 18.29
C LEU B 33 14.16 -23.57 19.73
N THR B 34 13.72 -22.34 20.02
CA THR B 34 13.15 -22.01 21.31
C THR B 34 11.93 -21.12 21.09
N GLY B 35 11.30 -20.71 22.19
CA GLY B 35 10.26 -19.69 22.13
C GLY B 35 10.93 -18.34 22.20
N TRP B 36 10.13 -17.27 22.33
CA TRP B 36 10.70 -15.93 22.45
C TRP B 36 11.42 -15.77 23.80
N GLY B 37 11.00 -16.56 24.78
CA GLY B 37 11.56 -16.52 26.12
C GLY B 37 12.87 -17.25 26.22
N ARG B 38 13.41 -17.65 25.07
CA ARG B 38 14.74 -18.26 24.95
C ARG B 38 14.93 -19.59 25.72
N THR B 39 13.87 -20.06 26.38
CA THR B 39 13.96 -21.29 27.17
C THR B 39 13.29 -22.51 26.51
N ALA B 40 13.54 -23.68 27.09
CA ALA B 40 13.13 -24.97 26.55
C ALA B 40 13.51 -25.19 25.06
N PRO B 41 14.82 -25.28 24.78
CA PRO B 41 15.31 -25.59 23.42
C PRO B 41 15.08 -27.04 22.98
N SER B 42 14.68 -27.21 21.72
CA SER B 42 14.45 -28.54 21.14
C SER B 42 14.91 -28.57 19.69
N VAL B 43 15.61 -29.64 19.30
CA VAL B 43 16.18 -29.73 17.96
C VAL B 43 15.19 -30.26 16.93
N ALA B 44 15.05 -29.54 15.81
CA ALA B 44 14.16 -29.96 14.73
C ALA B 44 14.71 -29.67 13.32
N ASN B 45 14.26 -30.46 12.35
CA ASN B 45 14.55 -30.22 10.95
C ASN B 45 13.58 -29.16 10.38
N VAL B 46 14.11 -27.98 10.10
CA VAL B 46 13.29 -26.84 9.70
C VAL B 46 13.23 -26.66 8.18
N LEU B 47 12.01 -26.51 7.67
CA LEU B 47 11.76 -26.43 6.23
C LEU B 47 11.37 -25.01 5.83
N ARG B 48 12.29 -24.29 5.17
CA ARG B 48 12.04 -22.93 4.70
C ARG B 48 11.95 -22.85 3.18
N THR B 49 10.73 -22.78 2.67
CA THR B 49 10.52 -22.60 1.24
C THR B 49 9.34 -21.65 1.02
N PRO B 50 9.44 -20.76 0.00
CA PRO B 50 8.32 -19.89 -0.37
C PRO B 50 7.40 -20.62 -1.32
N ASP B 51 7.67 -21.91 -1.48
CA ASP B 51 6.92 -22.75 -2.41
C ASP B 51 5.86 -23.57 -1.67
N ALA B 52 4.61 -23.28 -1.98
CA ALA B 52 3.48 -23.96 -1.35
C ALA B 52 3.36 -25.43 -1.73
N GLU B 53 3.97 -25.83 -2.84
CA GLU B 53 3.89 -27.23 -3.24
C GLU B 53 4.96 -28.11 -2.58
N MET B 54 6.04 -27.50 -2.10
CA MET B 54 7.07 -28.22 -1.36
C MET B 54 6.56 -28.54 0.04
N ILE B 55 5.70 -27.66 0.54
CA ILE B 55 5.13 -27.82 1.88
C ILE B 55 4.12 -28.95 1.90
N VAL B 56 3.24 -28.96 0.90
CA VAL B 56 2.29 -30.05 0.70
C VAL B 56 3.02 -31.38 0.57
N LYS B 57 4.11 -31.37 -0.18
CA LYS B 57 4.90 -32.59 -0.42
C LYS B 57 5.60 -33.05 0.85
N ALA B 58 5.92 -32.12 1.72
CA ALA B 58 6.63 -32.44 2.95
C ALA B 58 5.67 -33.04 3.96
N VAL B 59 4.45 -32.51 4.01
CA VAL B 59 3.42 -33.08 4.88
C VAL B 59 3.08 -34.54 4.53
N ALA B 60 3.05 -34.84 3.23
CA ALA B 60 2.82 -36.20 2.75
C ALA B 60 3.95 -37.13 3.16
N ARG B 61 5.16 -36.59 3.16
CA ARG B 61 6.35 -37.36 3.52
C ARG B 61 6.31 -37.74 5.00
N VAL B 62 5.75 -36.87 5.83
CA VAL B 62 5.59 -37.13 7.25
C VAL B 62 4.41 -38.09 7.46
N ALA B 63 3.38 -37.93 6.64
CA ALA B 63 2.22 -38.81 6.70
C ALA B 63 2.61 -40.26 6.34
N GLU B 64 3.57 -40.41 5.44
CA GLU B 64 3.96 -41.73 4.93
C GLU B 64 4.79 -42.52 5.95
N SER B 65 5.66 -41.82 6.67
CA SER B 65 6.39 -42.43 7.78
C SER B 65 5.45 -42.92 8.88
N GLY B 68 5.13 -41.12 13.42
CA GLY B 68 6.17 -40.12 13.29
C GLY B 68 6.21 -39.21 14.50
N ARG B 69 7.20 -38.33 14.55
CA ARG B 69 7.22 -37.29 15.57
C ARG B 69 6.54 -36.05 14.99
N GLY B 70 5.94 -36.25 13.83
CA GLY B 70 5.04 -35.27 13.24
C GLY B 70 5.66 -33.99 12.71
N ALA B 71 4.82 -32.97 12.61
CA ALA B 71 5.25 -31.68 12.09
C ALA B 71 4.41 -30.55 12.66
N ILE B 72 5.05 -29.43 12.98
CA ILE B 72 4.29 -28.24 13.37
C ILE B 72 4.69 -27.01 12.52
N ALA B 73 3.79 -26.05 12.38
CA ALA B 73 4.10 -24.82 11.64
C ALA B 73 4.72 -23.78 12.56
N ARG B 74 5.64 -22.99 12.04
CA ARG B 74 6.23 -21.90 12.79
C ARG B 74 5.98 -20.56 12.10
N GLY B 75 5.68 -19.53 12.89
CA GLY B 75 5.51 -18.21 12.32
C GLY B 75 6.77 -17.44 12.55
N LEU B 76 6.64 -16.28 13.17
CA LEU B 76 7.81 -15.48 13.51
C LEU B 76 8.41 -15.85 14.86
N GLY B 77 7.81 -16.85 15.52
CA GLY B 77 8.37 -17.42 16.72
C GLY B 77 8.26 -16.49 17.91
N ARG B 78 7.22 -15.67 17.93
CA ARG B 78 7.02 -14.74 19.02
C ARG B 78 6.29 -15.37 20.22
N SER B 79 5.70 -16.54 20.04
CA SER B 79 5.07 -17.22 21.17
C SER B 79 6.16 -17.66 22.15
N TYR B 80 5.98 -17.29 23.42
CA TYR B 80 6.92 -17.63 24.47
C TYR B 80 6.92 -19.13 24.73
N GLY B 81 5.75 -19.73 24.56
CA GLY B 81 5.57 -21.15 24.75
C GLY B 81 6.35 -22.02 23.78
N ASP B 82 6.07 -23.31 23.85
CA ASP B 82 6.74 -24.30 23.01
C ASP B 82 5.78 -24.85 21.97
N ASN B 83 4.74 -24.06 21.67
CA ASN B 83 3.76 -24.49 20.68
C ASN B 83 4.30 -24.44 19.24
N ALA B 84 5.42 -23.76 19.03
CA ALA B 84 5.98 -23.64 17.68
C ALA B 84 7.29 -24.38 17.53
N GLN B 85 7.47 -25.43 18.32
CA GLN B 85 8.63 -26.29 18.16
C GLN B 85 8.22 -27.76 18.22
N ASN B 86 8.99 -28.60 17.57
CA ASN B 86 8.70 -30.02 17.50
C ASN B 86 10.00 -30.81 17.59
N GLY B 87 10.36 -31.20 18.81
CA GLY B 87 11.58 -31.93 19.04
C GLY B 87 11.62 -33.23 18.26
N GLY B 88 12.65 -33.40 17.44
CA GLY B 88 12.85 -34.63 16.71
C GLY B 88 11.84 -34.84 15.61
N GLY B 89 11.12 -33.78 15.27
CA GLY B 89 10.19 -33.81 14.15
C GLY B 89 10.48 -32.70 13.16
N LEU B 90 9.52 -32.44 12.29
CA LEU B 90 9.65 -31.40 11.29
C LEU B 90 8.99 -30.11 11.76
N VAL B 91 9.68 -28.99 11.58
CA VAL B 91 9.07 -27.69 11.80
C VAL B 91 9.07 -26.92 10.47
N ILE B 92 7.91 -26.44 10.05
CA ILE B 92 7.81 -25.71 8.79
C ILE B 92 7.68 -24.21 8.99
N ASP B 93 8.71 -23.47 8.58
CA ASP B 93 8.71 -22.02 8.75
C ASP B 93 7.86 -21.42 7.64
N MET B 94 6.87 -20.64 8.04
CA MET B 94 5.88 -20.10 7.13
C MET B 94 6.16 -18.68 6.65
N THR B 95 7.16 -18.03 7.28
CA THR B 95 7.55 -16.68 6.91
C THR B 95 7.80 -16.47 5.39
N PRO B 96 8.46 -17.43 4.69
CA PRO B 96 8.62 -17.24 3.24
C PRO B 96 7.31 -17.06 2.46
N LEU B 97 6.20 -17.63 2.92
CA LEU B 97 4.93 -17.47 2.22
C LEU B 97 4.23 -16.19 2.65
N ASN B 98 4.69 -15.06 2.12
CA ASN B 98 4.28 -13.77 2.63
C ASN B 98 3.60 -12.92 1.56
N THR B 99 2.76 -13.56 0.73
CA THR B 99 2.15 -12.83 -0.37
C THR B 99 0.79 -12.26 -0.01
N ILE B 100 0.66 -10.94 -0.22
CA ILE B 100 -0.63 -10.29 -0.12
C ILE B 100 -1.32 -10.38 -1.48
N HIS B 101 -2.39 -11.19 -1.52
CA HIS B 101 -3.07 -11.53 -2.75
C HIS B 101 -4.04 -10.45 -3.21
N SER B 102 -4.79 -9.86 -2.29
CA SER B 102 -5.65 -8.73 -2.65
C SER B 102 -6.17 -7.98 -1.43
N ILE B 103 -6.48 -6.71 -1.64
CA ILE B 103 -7.20 -5.91 -0.67
C ILE B 103 -8.36 -5.21 -1.36
N ASP B 104 -9.50 -5.18 -0.69
CA ASP B 104 -10.69 -4.57 -1.26
C ASP B 104 -11.30 -3.62 -0.25
N ALA B 105 -11.32 -2.34 -0.58
CA ALA B 105 -11.78 -1.33 0.36
C ALA B 105 -13.30 -1.35 0.52
N ASP B 106 -13.99 -1.89 -0.47
CA ASP B 106 -15.45 -1.92 -0.45
C ASP B 106 -16.02 -3.08 0.38
N THR B 107 -15.45 -4.26 0.23
CA THR B 107 -15.87 -5.40 1.05
C THR B 107 -15.10 -5.39 2.38
N LYS B 108 -14.07 -4.56 2.43
CA LYS B 108 -13.15 -4.50 3.56
C LYS B 108 -12.39 -5.80 3.77
N LEU B 109 -12.30 -6.62 2.73
CA LEU B 109 -11.66 -7.92 2.83
C LEU B 109 -10.23 -7.92 2.34
N VAL B 110 -9.36 -8.58 3.10
CA VAL B 110 -7.96 -8.70 2.79
C VAL B 110 -7.64 -10.18 2.56
N ASP B 111 -6.94 -10.50 1.49
CA ASP B 111 -6.65 -11.88 1.14
C ASP B 111 -5.14 -12.15 1.18
N ILE B 112 -4.70 -12.90 2.19
CA ILE B 112 -3.26 -13.06 2.38
C ILE B 112 -2.75 -14.46 2.68
N ASP B 113 -1.47 -14.66 2.40
CA ASP B 113 -0.76 -15.87 2.77
C ASP B 113 -0.50 -15.87 4.28
N ALA B 114 -0.46 -17.06 4.86
CA ALA B 114 -0.32 -17.20 6.31
C ALA B 114 0.98 -16.59 6.81
N GLY B 115 1.99 -16.53 5.96
CA GLY B 115 3.27 -15.96 6.35
C GLY B 115 3.34 -14.45 6.46
N VAL B 116 2.30 -13.73 6.00
CA VAL B 116 2.42 -12.26 6.11
C VAL B 116 2.32 -11.81 7.57
N ASN B 117 3.17 -10.88 7.97
CA ASN B 117 3.11 -10.38 9.33
C ASN B 117 2.17 -9.19 9.41
N LEU B 118 1.68 -8.91 10.62
CA LEU B 118 0.71 -7.87 10.82
C LEU B 118 1.29 -6.48 10.59
N ASP B 119 2.60 -6.32 10.65
CA ASP B 119 3.21 -5.02 10.34
C ASP B 119 3.12 -4.74 8.83
N GLN B 120 3.50 -5.75 8.05
CA GLN B 120 3.39 -5.77 6.61
C GLN B 120 1.96 -5.49 6.16
N LEU B 121 1.03 -6.15 6.84
CA LEU B 121 -0.39 -6.06 6.53
C LEU B 121 -0.95 -4.68 6.88
N MET B 122 -0.59 -4.18 8.05
CA MET B 122 -1.06 -2.87 8.44
C MET B 122 -0.64 -1.80 7.42
N LYS B 123 0.61 -1.85 6.97
CA LYS B 123 1.12 -0.86 6.03
C LYS B 123 0.47 -1.02 4.66
N ALA B 124 0.25 -2.25 4.24
CA ALA B 124 -0.36 -2.51 2.95
C ALA B 124 -1.78 -1.99 2.89
N ALA B 125 -2.50 -2.09 4.01
CA ALA B 125 -3.94 -1.83 4.03
C ALA B 125 -4.34 -0.40 4.39
N LEU B 126 -3.46 0.32 5.06
CA LEU B 126 -3.74 1.70 5.43
C LEU B 126 -4.29 2.58 4.30
N PRO B 127 -3.64 2.57 3.12
CA PRO B 127 -4.09 3.45 2.03
C PRO B 127 -5.47 3.08 1.47
N PHE B 128 -6.06 1.99 1.93
CA PHE B 128 -7.41 1.62 1.56
C PHE B 128 -8.39 2.14 2.60
N GLY B 129 -7.87 2.84 3.60
CA GLY B 129 -8.64 3.17 4.79
C GLY B 129 -9.09 1.91 5.56
N LEU B 130 -8.20 0.93 5.71
CA LEU B 130 -8.50 -0.29 6.48
C LEU B 130 -7.46 -0.49 7.58
N TRP B 131 -7.93 -0.97 8.73
CA TRP B 131 -7.13 -1.14 9.94
C TRP B 131 -7.20 -2.61 10.40
N VAL B 132 -6.05 -3.18 10.71
CA VAL B 132 -5.97 -4.55 11.25
C VAL B 132 -6.82 -4.59 12.52
N PRO B 133 -7.86 -5.43 12.53
CA PRO B 133 -8.88 -5.37 13.58
C PRO B 133 -8.37 -5.70 14.99
N VAL B 134 -7.28 -6.45 15.11
CA VAL B 134 -6.75 -6.87 16.40
C VAL B 134 -5.25 -6.88 16.34
N LEU B 135 -4.62 -6.00 17.11
CA LEU B 135 -3.18 -5.90 17.14
C LEU B 135 -2.68 -6.26 18.53
N PRO B 136 -1.66 -7.15 18.59
CA PRO B 136 -1.03 -7.49 19.87
C PRO B 136 0.04 -6.44 20.21
N GLY B 137 0.80 -6.71 21.27
CA GLY B 137 1.80 -5.79 21.75
C GLY B 137 3.00 -5.62 20.86
N THR B 138 3.26 -6.62 20.01
CA THR B 138 4.32 -6.52 19.00
C THR B 138 3.67 -6.81 17.66
N ARG B 139 4.16 -6.18 16.60
CA ARG B 139 3.52 -6.37 15.32
C ARG B 139 4.26 -7.37 14.45
N GLN B 140 5.31 -7.95 15.01
CA GLN B 140 6.06 -8.97 14.30
C GLN B 140 5.46 -10.36 14.54
N VAL B 141 4.20 -10.52 14.17
CA VAL B 141 3.54 -11.81 14.23
C VAL B 141 2.88 -12.14 12.91
N THR B 142 2.91 -13.42 12.52
CA THR B 142 2.32 -13.83 11.26
C THR B 142 0.83 -13.98 11.41
N VAL B 143 0.11 -13.92 10.30
CA VAL B 143 -1.35 -14.09 10.33
C VAL B 143 -1.69 -15.49 10.87
N GLY B 144 -0.93 -16.47 10.43
CA GLY B 144 -1.11 -17.84 10.87
C GLY B 144 -0.96 -17.96 12.38
N GLY B 145 0.09 -17.34 12.92
CA GLY B 145 0.31 -17.34 14.35
C GLY B 145 -0.80 -16.60 15.08
N ALA B 146 -1.27 -15.51 14.47
CA ALA B 146 -2.36 -14.71 15.00
C ALA B 146 -3.61 -15.55 15.14
N ILE B 147 -3.88 -16.37 14.14
CA ILE B 147 -5.07 -17.20 14.16
C ILE B 147 -4.90 -18.38 15.14
N ALA B 148 -3.75 -19.05 15.06
CA ALA B 148 -3.53 -20.27 15.82
C ALA B 148 -3.48 -20.03 17.33
N CYS B 149 -3.12 -18.80 17.71
CA CYS B 149 -3.12 -18.39 19.10
C CYS B 149 -4.32 -17.51 19.44
N ASP B 150 -5.17 -17.26 18.44
CA ASP B 150 -6.36 -16.41 18.59
C ASP B 150 -6.03 -15.18 19.44
N ILE B 151 -5.07 -14.39 18.95
CA ILE B 151 -4.57 -13.27 19.74
C ILE B 151 -5.64 -12.24 20.06
N HIS B 152 -5.39 -11.47 21.11
CA HIS B 152 -6.31 -10.43 21.56
C HIS B 152 -5.48 -9.14 21.68
N GLY B 153 -6.17 -8.01 21.80
CA GLY B 153 -5.51 -6.72 21.90
C GLY B 153 -6.17 -5.79 22.89
N LYS B 154 -5.78 -4.51 22.86
CA LYS B 154 -6.34 -3.50 23.75
C LYS B 154 -7.80 -3.22 23.41
N ASN B 155 -8.27 -3.75 22.29
CA ASN B 155 -9.68 -3.57 21.92
C ASN B 155 -10.53 -4.82 22.10
N HIS B 156 -10.05 -5.78 22.89
CA HIS B 156 -10.82 -7.02 23.04
C HIS B 156 -12.26 -6.82 23.50
N HIS B 157 -12.47 -5.90 24.43
CA HIS B 157 -13.81 -5.66 24.98
C HIS B 157 -14.81 -5.18 23.93
N SER B 158 -14.31 -4.53 22.88
CA SER B 158 -15.17 -3.99 21.84
C SER B 158 -15.16 -4.85 20.59
N ALA B 159 -14.03 -5.51 20.33
CA ALA B 159 -13.85 -6.15 19.03
C ALA B 159 -13.56 -7.65 19.07
N GLY B 160 -13.50 -8.25 20.26
CA GLY B 160 -13.21 -9.67 20.37
C GLY B 160 -11.75 -9.97 20.09
N SER B 161 -11.47 -11.20 19.69
CA SER B 161 -10.10 -11.57 19.41
C SER B 161 -9.92 -11.75 17.91
N PHE B 162 -8.72 -12.13 17.48
CA PHE B 162 -8.38 -12.20 16.06
C PHE B 162 -9.30 -13.13 15.28
N GLY B 163 -9.62 -14.28 15.87
CA GLY B 163 -10.46 -15.28 15.23
C GLY B 163 -11.82 -14.77 14.79
N ASN B 164 -12.39 -13.82 15.55
CA ASN B 164 -13.67 -13.19 15.24
C ASN B 164 -13.71 -12.48 13.89
N HIS B 165 -12.55 -12.18 13.32
CA HIS B 165 -12.47 -11.36 12.11
C HIS B 165 -12.04 -12.13 10.87
N VAL B 166 -11.87 -13.44 11.03
CA VAL B 166 -11.43 -14.26 9.91
C VAL B 166 -12.65 -14.76 9.19
N ARG B 167 -12.71 -14.50 7.89
CA ARG B 167 -13.90 -14.85 7.15
C ARG B 167 -13.74 -16.20 6.46
N SER B 168 -12.48 -16.58 6.22
CA SER B 168 -12.21 -17.88 5.62
C SER B 168 -10.75 -18.21 5.84
N MET B 169 -10.43 -19.49 5.81
CA MET B 169 -9.04 -19.91 5.76
C MET B 169 -8.86 -21.19 4.95
N ASP B 170 -7.67 -21.36 4.39
CA ASP B 170 -7.31 -22.57 3.68
C ASP B 170 -6.35 -23.37 4.54
N LEU B 171 -6.76 -24.58 4.92
CA LEU B 171 -5.99 -25.40 5.85
C LEU B 171 -5.48 -26.65 5.16
N LEU B 172 -4.15 -26.75 5.03
CA LEU B 172 -3.55 -28.01 4.63
C LEU B 172 -3.79 -29.02 5.76
N THR B 173 -4.46 -30.12 5.43
CA THR B 173 -4.74 -31.14 6.42
C THR B 173 -3.87 -32.38 6.21
N ALA B 174 -3.95 -33.32 7.15
CA ALA B 174 -3.10 -34.52 7.19
C ALA B 174 -3.14 -35.42 5.96
N ASP B 175 -4.25 -35.43 5.23
CA ASP B 175 -4.33 -36.22 4.01
C ASP B 175 -3.56 -35.58 2.85
N GLY B 176 -3.35 -34.28 2.97
CA GLY B 176 -2.71 -33.52 1.90
C GLY B 176 -3.72 -32.64 1.19
N GLU B 177 -4.95 -32.65 1.70
CA GLU B 177 -6.03 -31.87 1.12
C GLU B 177 -6.12 -30.46 1.72
N ILE B 178 -6.37 -29.47 0.87
CA ILE B 178 -6.58 -28.11 1.33
C ILE B 178 -8.07 -27.82 1.48
N ARG B 179 -8.48 -27.62 2.73
CA ARG B 179 -9.87 -27.40 3.10
C ARG B 179 -10.18 -25.92 3.21
N HIS B 180 -11.32 -25.52 2.66
CA HIS B 180 -11.76 -24.14 2.75
C HIS B 180 -12.76 -24.00 3.90
N LEU B 181 -12.33 -23.33 4.96
CA LEU B 181 -13.13 -23.23 6.18
C LEU B 181 -13.75 -21.85 6.30
N THR B 182 -15.02 -21.82 6.71
CA THR B 182 -15.65 -20.56 7.10
C THR B 182 -16.23 -20.68 8.52
N PRO B 183 -16.40 -19.54 9.22
CA PRO B 183 -16.90 -19.55 10.60
C PRO B 183 -18.37 -19.95 10.67
N THR B 184 -18.98 -20.18 9.53
CA THR B 184 -20.38 -20.57 9.51
C THR B 184 -20.59 -21.63 8.41
N GLY B 185 -21.80 -22.13 8.23
CA GLY B 185 -21.97 -23.25 7.33
C GLY B 185 -21.21 -24.50 7.79
N GLU B 186 -21.06 -25.49 6.91
CA GLU B 186 -20.37 -26.73 7.27
C GLU B 186 -18.89 -26.48 7.52
N ASP B 187 -18.21 -27.44 8.11
CA ASP B 187 -16.81 -27.28 8.54
C ASP B 187 -16.54 -26.12 9.50
N ALA B 188 -17.60 -25.51 10.01
CA ALA B 188 -17.50 -24.47 11.03
C ALA B 188 -16.78 -25.00 12.27
N GLU B 189 -17.01 -26.27 12.58
CA GLU B 189 -16.43 -26.91 13.75
C GLU B 189 -14.91 -26.95 13.64
N LEU B 190 -14.42 -27.35 12.47
CA LEU B 190 -12.99 -27.41 12.22
C LEU B 190 -12.35 -26.02 12.16
N PHE B 191 -13.12 -25.03 11.70
CA PHE B 191 -12.68 -23.64 11.64
C PHE B 191 -12.41 -23.13 13.03
N TRP B 192 -13.36 -23.37 13.92
CA TRP B 192 -13.25 -22.86 15.28
C TRP B 192 -12.29 -23.69 16.13
N ALA B 193 -11.89 -24.84 15.62
CA ALA B 193 -10.86 -25.65 16.27
C ALA B 193 -9.51 -25.20 15.78
N THR B 194 -9.47 -24.63 14.59
CA THR B 194 -8.23 -24.11 14.06
C THR B 194 -7.91 -22.80 14.73
N VAL B 195 -8.94 -22.06 15.08
CA VAL B 195 -8.74 -20.84 15.86
C VAL B 195 -8.38 -21.21 17.30
N GLY B 196 -7.20 -20.78 17.74
CA GLY B 196 -6.75 -21.04 19.08
C GLY B 196 -6.15 -22.43 19.20
N GLY B 197 -6.08 -23.14 18.07
CA GLY B 197 -5.70 -24.54 18.09
C GLY B 197 -4.21 -24.81 17.99
N ASN B 198 -3.40 -23.76 18.09
CA ASN B 198 -1.94 -23.88 18.07
C ASN B 198 -1.36 -24.75 16.96
N GLY B 199 -1.89 -24.59 15.74
CA GLY B 199 -1.38 -25.31 14.59
C GLY B 199 -1.65 -26.81 14.53
N LEU B 200 -2.44 -27.32 15.48
CA LEU B 200 -2.64 -28.76 15.60
C LEU B 200 -3.78 -29.35 14.75
N THR B 201 -4.44 -28.51 13.95
CA THR B 201 -5.43 -29.00 13.00
C THR B 201 -4.86 -29.06 11.60
N GLY B 202 -3.65 -28.54 11.44
CA GLY B 202 -2.97 -28.54 10.15
C GLY B 202 -2.28 -27.21 9.90
N ILE B 203 -1.95 -26.95 8.64
CA ILE B 203 -1.21 -25.76 8.28
C ILE B 203 -2.11 -24.74 7.57
N ILE B 204 -2.31 -23.59 8.20
CA ILE B 204 -3.09 -22.52 7.57
C ILE B 204 -2.26 -21.97 6.43
N MET B 205 -2.78 -22.07 5.21
CA MET B 205 -2.03 -21.65 4.05
C MET B 205 -2.36 -20.21 3.67
N ARG B 206 -3.61 -19.82 3.91
CA ARG B 206 -4.13 -18.60 3.36
C ARG B 206 -5.38 -18.24 4.15
N ALA B 207 -5.66 -16.96 4.27
CA ALA B 207 -6.85 -16.55 5.01
C ALA B 207 -7.42 -15.28 4.43
N THR B 208 -8.73 -15.10 4.64
CA THR B 208 -9.38 -13.84 4.34
C THR B 208 -9.82 -13.22 5.65
N ILE B 209 -9.40 -11.97 5.87
CA ILE B 209 -9.70 -11.25 7.10
C ILE B 209 -10.56 -10.05 6.75
N GLU B 210 -11.60 -9.80 7.54
CA GLU B 210 -12.37 -8.57 7.40
C GLU B 210 -11.77 -7.43 8.25
N MET B 211 -11.35 -6.37 7.58
CA MET B 211 -10.64 -5.30 8.29
C MET B 211 -11.60 -4.32 8.88
N THR B 212 -11.12 -3.52 9.80
CA THR B 212 -11.93 -2.44 10.35
C THR B 212 -11.70 -1.17 9.51
N PRO B 213 -12.78 -0.55 9.01
CA PRO B 213 -12.65 0.69 8.22
C PRO B 213 -12.22 1.89 9.07
N THR B 214 -11.23 2.63 8.60
CA THR B 214 -10.81 3.84 9.30
C THR B 214 -10.51 4.98 8.33
N SER B 215 -10.64 6.21 8.81
CA SER B 215 -10.33 7.39 7.99
C SER B 215 -8.96 7.95 8.34
N THR B 216 -8.38 7.48 9.44
CA THR B 216 -7.04 7.90 9.82
C THR B 216 -6.19 6.78 10.38
N ALA B 217 -4.89 7.05 10.50
CA ALA B 217 -3.96 6.14 11.15
C ALA B 217 -3.66 6.57 12.59
N TYR B 218 -4.54 7.36 13.18
CA TYR B 218 -4.28 7.91 14.51
C TYR B 218 -5.36 7.62 15.54
N PHE B 219 -4.99 7.75 16.81
CA PHE B 219 -5.91 7.61 17.94
C PHE B 219 -6.11 8.95 18.61
N ILE B 220 -7.29 9.16 19.18
CA ILE B 220 -7.50 10.22 20.16
C ILE B 220 -7.50 9.49 21.50
N ALA B 221 -6.67 9.95 22.44
CA ALA B 221 -6.46 9.18 23.68
C ALA B 221 -6.84 9.96 24.93
N ASP B 222 -7.59 9.31 25.81
CA ASP B 222 -7.84 9.84 27.14
C ASP B 222 -7.01 9.04 28.13
N GLY B 223 -6.30 9.73 29.01
CA GLY B 223 -5.50 9.07 30.03
C GLY B 223 -6.00 9.40 31.41
N ASP B 224 -6.05 8.39 32.27
CA ASP B 224 -6.46 8.59 33.66
C ASP B 224 -5.46 7.93 34.57
N VAL B 225 -5.58 8.19 35.86
CA VAL B 225 -4.74 7.52 36.84
C VAL B 225 -5.56 7.15 38.07
N THR B 226 -5.17 6.07 38.75
CA THR B 226 -5.84 5.67 39.98
C THR B 226 -4.83 5.54 41.10
N ALA B 227 -5.32 5.50 42.34
CA ALA B 227 -4.46 5.46 43.52
C ALA B 227 -4.46 4.09 44.21
N SER B 228 -5.41 3.24 43.86
CA SER B 228 -5.50 1.92 44.48
C SER B 228 -6.15 0.91 43.56
N LEU B 229 -5.97 -0.36 43.89
CA LEU B 229 -6.55 -1.45 43.11
C LEU B 229 -8.07 -1.38 43.08
N ASP B 230 -8.65 -1.01 44.21
CA ASP B 230 -10.10 -0.85 44.34
C ASP B 230 -10.58 0.19 43.35
N GLU B 231 -9.77 1.24 43.19
CA GLU B 231 -10.08 2.38 42.34
C GLU B 231 -9.96 2.00 40.86
N THR B 232 -8.97 1.18 40.55
CA THR B 232 -8.78 0.65 39.21
C THR B 232 -9.99 -0.18 38.78
N ILE B 233 -10.54 -0.92 39.73
CA ILE B 233 -11.64 -1.82 39.43
C ILE B 233 -12.97 -1.05 39.28
N ALA B 234 -13.17 -0.05 40.14
CA ALA B 234 -14.33 0.84 40.02
C ALA B 234 -14.34 1.52 38.65
N LEU B 235 -13.18 2.03 38.28
CA LEU B 235 -13.04 2.72 36.99
C LEU B 235 -13.40 1.81 35.81
N HIS B 236 -13.10 0.52 35.96
CA HIS B 236 -13.37 -0.42 34.89
C HIS B 236 -14.78 -0.99 34.98
N SER B 237 -15.46 -0.72 36.09
CA SER B 237 -16.82 -1.21 36.31
C SER B 237 -17.86 -0.08 36.27
N ASP B 238 -17.43 1.14 35.99
CA ASP B 238 -18.35 2.28 36.03
C ASP B 238 -19.09 2.52 34.71
N GLY B 239 -18.83 1.67 33.72
CA GLY B 239 -19.48 1.79 32.43
C GLY B 239 -18.79 2.76 31.47
N SER B 240 -17.72 3.40 31.92
CA SER B 240 -16.98 4.32 31.05
C SER B 240 -16.26 3.54 29.95
N GLU B 241 -15.97 2.28 30.23
CA GLU B 241 -15.29 1.42 29.28
C GLU B 241 -16.04 1.29 27.95
N ALA B 242 -17.37 1.42 28.01
CA ALA B 242 -18.20 1.41 26.80
C ALA B 242 -18.03 2.64 25.89
N ARG B 243 -17.23 3.63 26.33
CA ARG B 243 -16.99 4.85 25.55
C ARG B 243 -15.75 4.75 24.65
N TYR B 244 -14.90 3.78 24.94
CA TYR B 244 -13.62 3.60 24.27
C TYR B 244 -13.56 2.26 23.57
N THR B 245 -13.04 2.25 22.34
CA THR B 245 -12.87 0.98 21.65
C THR B 245 -11.57 0.30 22.08
N TYR B 246 -10.63 1.09 22.59
CA TYR B 246 -9.33 0.57 23.02
C TYR B 246 -9.08 0.93 24.48
N SER B 247 -8.54 -0.02 25.24
CA SER B 247 -8.31 0.21 26.67
C SER B 247 -7.28 -0.72 27.28
N SER B 248 -6.28 -0.16 27.94
CA SER B 248 -5.39 -0.97 28.77
C SER B 248 -4.80 -0.11 29.87
N ALA B 249 -4.03 -0.74 30.75
CA ALA B 249 -3.49 -0.03 31.89
C ALA B 249 -2.13 -0.60 32.31
N TRP B 250 -1.18 0.26 32.64
CA TRP B 250 -0.03 -0.17 33.41
C TRP B 250 -0.48 -0.13 34.86
N PHE B 251 -0.03 -1.08 35.67
CA PHE B 251 -0.38 -1.02 37.10
C PHE B 251 0.71 -1.50 38.05
N ASP B 252 0.61 -1.01 39.29
CA ASP B 252 1.60 -1.24 40.33
C ASP B 252 1.41 -2.60 41.01
N ALA B 253 2.41 -3.47 40.89
CA ALA B 253 2.38 -4.78 41.53
C ALA B 253 3.43 -4.91 42.65
N ILE B 254 4.11 -3.81 42.97
CA ILE B 254 5.20 -3.81 43.95
C ILE B 254 4.87 -3.05 45.23
N SER B 255 4.00 -2.04 45.10
CA SER B 255 3.65 -1.23 46.27
C SER B 255 2.79 -2.00 47.25
N ALA B 256 3.04 -1.79 48.54
CA ALA B 256 2.19 -2.35 49.57
C ALA B 256 0.84 -1.65 49.49
N PRO B 257 -0.23 -2.39 49.80
CA PRO B 257 -1.58 -1.78 49.83
C PRO B 257 -1.61 -0.63 50.83
N PRO B 258 -2.47 0.38 50.60
CA PRO B 258 -3.52 0.46 49.57
C PRO B 258 -3.01 0.88 48.18
N LYS B 259 -1.75 1.30 48.06
CA LYS B 259 -1.23 1.77 46.78
C LYS B 259 -1.20 0.65 45.75
N LEU B 260 -1.09 -0.58 46.23
CA LEU B 260 -1.10 -1.76 45.37
C LEU B 260 -2.24 -1.71 44.35
N GLY B 261 -1.92 -1.96 43.07
CA GLY B 261 -2.95 -2.03 42.05
C GLY B 261 -3.37 -0.70 41.48
N ARG B 262 -2.78 0.39 41.95
CA ARG B 262 -3.01 1.68 41.30
C ARG B 262 -2.52 1.58 39.86
N ALA B 263 -3.12 2.36 38.97
CA ALA B 263 -2.89 2.16 37.54
C ALA B 263 -2.75 3.44 36.77
N ALA B 264 -2.06 3.38 35.64
CA ALA B 264 -2.08 4.45 34.66
C ALA B 264 -2.86 3.94 33.46
N VAL B 265 -4.06 4.49 33.27
CA VAL B 265 -4.99 3.99 32.28
C VAL B 265 -4.94 4.74 30.96
N SER B 266 -4.83 3.98 29.87
CA SER B 266 -4.78 4.56 28.54
C SER B 266 -5.91 4.01 27.68
N ARG B 267 -6.90 4.86 27.43
CA ARG B 267 -8.07 4.48 26.66
C ARG B 267 -8.26 5.40 25.46
N GLY B 268 -8.85 4.89 24.38
CA GLY B 268 -9.04 5.70 23.20
C GLY B 268 -9.81 5.04 22.07
N ARG B 269 -9.58 5.57 20.87
CA ARG B 269 -10.46 5.39 19.74
C ARG B 269 -9.75 5.90 18.49
N LEU B 270 -10.02 5.28 17.35
CA LEU B 270 -9.51 5.79 16.08
C LEU B 270 -9.98 7.23 15.78
N ALA B 271 -9.03 8.10 15.42
CA ALA B 271 -9.38 9.48 15.06
C ALA B 271 -10.02 9.56 13.67
N THR B 272 -10.97 10.47 13.54
CA THR B 272 -11.53 10.84 12.24
C THR B 272 -10.71 12.04 11.75
N VAL B 273 -10.77 12.32 10.45
CA VAL B 273 -9.92 13.36 9.88
C VAL B 273 -10.27 14.76 10.39
N GLU B 274 -11.54 14.98 10.72
CA GLU B 274 -11.95 16.24 11.31
C GLU B 274 -11.38 16.45 12.72
N GLN B 275 -10.70 15.43 13.25
CA GLN B 275 -10.14 15.49 14.60
C GLN B 275 -8.63 15.67 14.63
N LEU B 276 -8.01 15.61 13.45
CA LEU B 276 -6.57 15.83 13.29
C LEU B 276 -6.25 17.30 13.05
N PRO B 277 -5.06 17.74 13.50
CA PRO B 277 -4.54 19.06 13.15
C PRO B 277 -4.30 19.12 11.66
N ALA B 278 -4.55 20.27 11.03
CA ALA B 278 -4.54 20.38 9.57
C ALA B 278 -3.28 19.87 8.88
N LYS B 279 -2.17 19.83 9.61
CA LYS B 279 -0.91 19.34 9.05
C LYS B 279 -1.03 17.86 8.67
N LEU B 280 -1.75 17.10 9.50
CA LEU B 280 -1.92 15.67 9.30
C LEU B 280 -3.03 15.37 8.28
N ARG B 281 -3.91 16.34 8.04
CA ARG B 281 -5.08 16.11 7.19
C ARG B 281 -4.73 15.85 5.73
N SER B 282 -3.46 15.99 5.37
CA SER B 282 -3.06 15.72 3.98
C SER B 282 -2.60 14.26 3.78
N GLU B 283 -2.04 13.65 4.82
CA GLU B 283 -1.83 12.20 4.83
C GLU B 283 -2.42 11.58 6.10
N PRO B 284 -3.76 11.58 6.20
CA PRO B 284 -4.40 11.10 7.44
C PRO B 284 -4.16 9.62 7.68
N LEU B 285 -3.73 8.90 6.65
CA LEU B 285 -3.51 7.47 6.73
C LEU B 285 -2.02 7.12 6.74
N LYS B 286 -1.19 8.10 7.10
CA LYS B 286 0.26 7.93 7.12
C LYS B 286 0.72 6.85 8.10
N PHE B 287 1.64 6.01 7.65
CA PHE B 287 2.06 4.84 8.41
C PHE B 287 3.34 5.07 9.23
N ASP B 288 3.47 4.36 10.35
CA ASP B 288 4.73 4.29 11.10
C ASP B 288 4.66 3.25 12.22
N GLY B 313 -0.43 16.90 46.70
CA GLY B 313 0.26 15.61 46.72
C GLY B 313 -0.41 14.62 45.77
N GLU B 314 -1.32 13.82 46.32
CA GLU B 314 -2.09 12.87 45.53
C GLU B 314 -2.90 13.59 44.45
N LEU B 315 -3.24 14.85 44.71
CA LEU B 315 -3.97 15.66 43.76
C LEU B 315 -3.09 16.00 42.56
N TRP B 316 -1.79 16.16 42.81
CA TRP B 316 -0.84 16.40 41.73
C TRP B 316 -0.65 15.11 40.92
N TYR B 317 -0.46 14.01 41.63
CA TYR B 317 -0.36 12.67 41.05
C TYR B 317 -1.40 12.41 39.96
N ARG B 318 -2.63 12.83 40.21
CA ARG B 318 -3.73 12.67 39.26
C ARG B 318 -3.65 13.60 38.06
N LYS B 319 -3.57 14.91 38.31
CA LYS B 319 -3.48 15.91 37.24
C LYS B 319 -2.32 15.59 36.30
N SER B 320 -1.21 15.16 36.88
CA SER B 320 -0.02 14.76 36.14
C SER B 320 -0.31 13.66 35.12
N GLY B 321 -1.05 12.64 35.54
CA GLY B 321 -1.30 11.50 34.68
C GLY B 321 -2.63 11.53 33.95
N THR B 322 -3.33 12.65 34.03
CA THR B 322 -4.66 12.78 33.43
C THR B 322 -4.67 13.71 32.22
N TYR B 323 -5.12 13.19 31.09
CA TYR B 323 -5.26 14.01 29.89
C TYR B 323 -6.47 13.59 29.08
N ARG B 324 -6.98 14.52 28.26
CA ARG B 324 -8.12 14.23 27.39
C ARG B 324 -7.81 14.55 25.95
N GLY B 325 -8.31 13.72 25.04
CA GLY B 325 -8.24 13.98 23.61
C GLY B 325 -6.84 14.12 23.04
N LYS B 326 -5.89 13.37 23.58
CA LYS B 326 -4.54 13.39 23.04
C LYS B 326 -4.48 12.64 21.71
N VAL B 327 -3.97 13.32 20.69
CA VAL B 327 -3.79 12.69 19.39
C VAL B 327 -2.47 11.95 19.38
N GLN B 328 -2.53 10.67 19.04
CA GLN B 328 -1.36 9.79 19.15
C GLN B 328 -1.27 8.89 17.92
N ASN B 329 -0.07 8.64 17.44
CA ASN B 329 0.11 7.67 16.37
C ASN B 329 0.10 6.30 17.02
N LEU B 330 0.33 5.25 16.22
CA LEU B 330 0.26 3.90 16.75
C LEU B 330 1.33 3.64 17.82
N THR B 331 2.54 4.12 17.56
CA THR B 331 3.65 3.90 18.48
C THR B 331 3.40 4.57 19.83
N GLN B 332 2.87 5.78 19.82
CA GLN B 332 2.61 6.49 21.08
C GLN B 332 1.49 5.83 21.86
N PHE B 333 0.42 5.47 21.16
CA PHE B 333 -0.76 4.93 21.82
C PHE B 333 -0.55 3.49 22.26
N TYR B 334 -0.12 2.67 21.30
CA TYR B 334 0.18 1.28 21.57
C TYR B 334 1.61 1.13 22.13
N HIS B 335 2.54 0.85 21.24
CA HIS B 335 3.89 0.44 21.61
C HIS B 335 4.78 1.58 22.13
N GLY B 351 17.05 -12.43 32.49
CA GLY B 351 16.27 -13.57 32.93
C GLY B 351 14.87 -13.18 33.33
N PHE B 352 13.90 -13.44 32.44
CA PHE B 352 12.53 -13.01 32.67
C PHE B 352 11.48 -14.08 32.32
N LEU B 353 10.59 -14.33 33.25
CA LEU B 353 9.46 -15.24 33.02
C LEU B 353 8.18 -14.43 32.84
N GLN B 354 7.54 -14.57 31.69
CA GLN B 354 6.29 -13.86 31.42
C GLN B 354 5.09 -14.70 31.88
N TYR B 355 4.14 -14.05 32.53
CA TYR B 355 3.02 -14.74 33.16
C TYR B 355 1.73 -13.97 32.91
N GLN B 356 0.77 -14.62 32.26
CA GLN B 356 -0.50 -13.99 31.96
C GLN B 356 -1.65 -14.88 32.36
N PHE B 357 -2.66 -14.30 32.97
CA PHE B 357 -3.84 -15.06 33.30
C PHE B 357 -5.06 -14.17 33.25
N VAL B 358 -6.23 -14.79 33.31
CA VAL B 358 -7.45 -14.02 33.43
C VAL B 358 -8.37 -14.66 34.46
N ILE B 359 -9.02 -13.83 35.27
CA ILE B 359 -9.97 -14.27 36.29
C ILE B 359 -11.35 -13.80 35.90
N PRO B 360 -12.34 -14.70 35.93
CA PRO B 360 -13.73 -14.34 35.56
C PRO B 360 -14.19 -13.09 36.29
N THR B 361 -14.97 -12.25 35.61
CA THR B 361 -15.37 -10.95 36.15
C THR B 361 -15.96 -11.01 37.56
N GLU B 362 -16.87 -11.95 37.78
CA GLU B 362 -17.60 -12.01 39.05
C GLU B 362 -16.72 -12.40 40.23
N ALA B 363 -15.56 -12.97 39.92
CA ALA B 363 -14.59 -13.36 40.93
C ALA B 363 -13.59 -12.24 41.25
N VAL B 364 -14.06 -11.00 41.26
CA VAL B 364 -13.18 -9.86 41.47
C VAL B 364 -12.49 -9.85 42.84
N ASP B 365 -13.18 -10.30 43.87
CA ASP B 365 -12.56 -10.43 45.19
C ASP B 365 -11.33 -11.34 45.15
N GLU B 366 -11.47 -12.44 44.42
CA GLU B 366 -10.39 -13.39 44.23
C GLU B 366 -9.25 -12.80 43.40
N PHE B 367 -9.65 -11.97 42.44
CA PHE B 367 -8.70 -11.20 41.67
C PHE B 367 -7.77 -10.38 42.56
N LYS B 368 -8.35 -9.52 43.40
CA LYS B 368 -7.61 -8.70 44.36
C LYS B 368 -6.67 -9.50 45.27
N LYS B 369 -7.06 -10.72 45.63
CA LYS B 369 -6.27 -11.53 46.52
C LYS B 369 -5.00 -12.00 45.84
N ILE B 370 -5.15 -12.51 44.62
CA ILE B 370 -4.03 -12.96 43.80
C ILE B 370 -2.99 -11.85 43.63
N ILE B 371 -3.48 -10.64 43.37
CA ILE B 371 -2.59 -9.48 43.24
C ILE B 371 -1.85 -9.22 44.54
N GLY B 372 -2.54 -9.39 45.66
CA GLY B 372 -1.96 -9.18 46.96
C GLY B 372 -0.87 -10.21 47.22
N VAL B 373 -1.16 -11.43 46.77
CA VAL B 373 -0.21 -12.53 46.90
C VAL B 373 1.05 -12.23 46.10
N ILE B 374 0.86 -11.65 44.92
CA ILE B 374 1.95 -11.26 44.04
C ILE B 374 2.89 -10.23 44.67
N GLN B 375 2.34 -9.17 45.27
CA GLN B 375 3.20 -8.15 45.85
C GLN B 375 3.93 -8.64 47.10
N ALA B 376 3.26 -9.48 47.89
CA ALA B 376 3.84 -9.96 49.13
C ALA B 376 4.85 -11.07 48.88
N SER B 377 4.84 -11.60 47.66
CA SER B 377 5.68 -12.75 47.32
C SER B 377 7.18 -12.47 47.37
N GLY B 378 7.58 -11.25 47.04
CA GLY B 378 8.99 -10.91 46.99
C GLY B 378 9.44 -10.73 45.55
N HIS B 379 8.66 -11.30 44.64
CA HIS B 379 8.98 -11.24 43.22
C HIS B 379 8.40 -9.97 42.62
N TYR B 380 9.28 -8.99 42.36
CA TYR B 380 8.85 -7.68 41.90
C TYR B 380 8.75 -7.60 40.37
N SER B 381 7.61 -7.11 39.90
CA SER B 381 7.37 -6.98 38.48
C SER B 381 7.07 -5.52 38.15
N PHE B 382 7.86 -4.95 37.25
CA PHE B 382 7.70 -3.54 36.88
C PHE B 382 6.72 -3.38 35.71
N LEU B 383 6.89 -4.21 34.69
CA LEU B 383 6.01 -4.17 33.53
C LEU B 383 4.75 -4.99 33.74
N ASN B 384 3.66 -4.33 34.07
CA ASN B 384 2.38 -5.01 34.24
C ASN B 384 1.28 -4.35 33.43
N VAL B 385 0.57 -5.15 32.63
CA VAL B 385 -0.52 -4.63 31.83
C VAL B 385 -1.84 -5.20 32.34
N PHE B 386 -2.83 -4.32 32.49
CA PHE B 386 -4.12 -4.71 33.03
C PHE B 386 -5.20 -4.37 32.04
N LYS B 387 -6.17 -5.29 31.89
CA LYS B 387 -7.25 -5.11 30.95
C LYS B 387 -8.46 -5.92 31.40
N LEU B 388 -9.65 -5.39 31.14
CA LEU B 388 -10.87 -6.15 31.30
C LEU B 388 -11.32 -6.65 29.92
N PHE B 389 -11.28 -7.97 29.74
CA PHE B 389 -11.73 -8.65 28.52
C PHE B 389 -13.25 -8.57 28.39
N GLY B 390 -13.74 -8.57 27.15
CA GLY B 390 -15.16 -8.67 26.90
C GLY B 390 -15.52 -10.11 26.62
N PRO B 391 -16.66 -10.35 25.95
CA PRO B 391 -17.19 -11.71 25.74
C PRO B 391 -16.26 -12.61 24.94
N ARG B 392 -16.33 -13.91 25.20
CA ARG B 392 -15.52 -14.87 24.49
C ARG B 392 -16.10 -15.19 23.10
N ASN B 393 -15.34 -15.90 22.29
CA ASN B 393 -15.84 -16.39 21.03
C ASN B 393 -16.10 -17.90 21.15
N GLN B 394 -16.37 -18.57 20.03
CA GLN B 394 -16.74 -19.97 20.11
C GLN B 394 -15.61 -20.94 19.80
N ALA B 395 -14.36 -20.47 19.89
CA ALA B 395 -13.20 -21.36 19.78
C ALA B 395 -13.01 -22.09 21.10
N PRO B 396 -13.15 -23.43 21.09
CA PRO B 396 -12.93 -24.24 22.30
C PRO B 396 -11.67 -23.88 23.09
N LEU B 397 -10.52 -23.75 22.44
CA LEU B 397 -9.26 -23.44 23.14
C LEU B 397 -8.85 -21.96 23.19
N SER B 398 -9.78 -21.07 22.84
CA SER B 398 -9.50 -19.64 22.89
C SER B 398 -9.28 -19.16 24.32
N PHE B 399 -8.21 -18.37 24.53
CA PHE B 399 -7.86 -17.86 25.85
C PHE B 399 -8.86 -16.87 26.51
N PRO B 400 -9.20 -15.76 25.81
CA PRO B 400 -10.01 -14.75 26.52
C PRO B 400 -11.43 -15.18 26.89
N ILE B 401 -11.78 -14.87 28.14
CA ILE B 401 -13.13 -14.94 28.67
C ILE B 401 -13.34 -13.60 29.37
N PRO B 402 -14.60 -13.19 29.57
CA PRO B 402 -14.89 -11.95 30.30
C PRO B 402 -14.26 -11.91 31.70
N GLY B 403 -13.50 -10.86 31.99
CA GLY B 403 -12.91 -10.72 33.30
C GLY B 403 -11.53 -10.09 33.31
N TRP B 404 -10.88 -10.19 34.47
CA TRP B 404 -9.65 -9.45 34.77
C TRP B 404 -8.39 -10.12 34.25
N ASN B 405 -7.77 -9.48 33.26
CA ASN B 405 -6.57 -10.00 32.62
C ASN B 405 -5.31 -9.21 32.96
N ILE B 406 -4.24 -9.94 33.30
CA ILE B 406 -2.99 -9.35 33.74
C ILE B 406 -1.80 -10.02 33.07
N CYS B 407 -0.89 -9.22 32.53
CA CYS B 407 0.45 -9.70 32.11
C CYS B 407 1.46 -9.17 33.08
N VAL B 408 2.29 -10.05 33.62
CA VAL B 408 3.35 -9.66 34.54
C VAL B 408 4.66 -10.24 34.04
N ASP B 409 5.76 -9.58 34.40
CA ASP B 409 7.08 -10.04 34.00
C ASP B 409 7.94 -10.26 35.24
N PHE B 410 8.29 -11.51 35.50
CA PHE B 410 9.02 -11.87 36.70
C PHE B 410 10.50 -12.10 36.38
N PRO B 411 11.38 -11.30 36.99
CA PRO B 411 12.80 -11.58 36.81
C PRO B 411 13.10 -12.94 37.41
N ILE B 412 13.84 -13.76 36.66
CA ILE B 412 14.21 -15.08 37.14
C ILE B 412 15.02 -14.97 38.43
N LYS B 413 14.54 -15.66 39.46
CA LYS B 413 15.01 -15.47 40.82
C LYS B 413 14.73 -16.76 41.59
N ASP B 414 15.57 -17.08 42.56
CA ASP B 414 15.43 -18.34 43.29
C ASP B 414 14.04 -18.46 43.94
N GLY B 415 13.39 -19.60 43.71
CA GLY B 415 12.05 -19.84 44.20
C GLY B 415 10.93 -19.37 43.28
N LEU B 416 11.29 -18.70 42.19
CA LEU B 416 10.28 -18.20 41.24
C LEU B 416 9.44 -19.37 40.72
N GLY B 417 10.11 -20.50 40.45
CA GLY B 417 9.47 -21.67 39.90
C GLY B 417 8.39 -22.23 40.82
N LYS B 418 8.74 -22.35 42.09
CA LYS B 418 7.81 -22.86 43.09
C LYS B 418 6.66 -21.87 43.27
N PHE B 419 7.00 -20.58 43.22
CA PHE B 419 6.00 -19.54 43.40
C PHE B 419 4.97 -19.49 42.27
N VAL B 420 5.39 -19.73 41.04
CA VAL B 420 4.42 -19.64 39.94
C VAL B 420 3.47 -20.83 39.96
N SER B 421 3.99 -21.99 40.36
CA SER B 421 3.18 -23.17 40.62
C SER B 421 2.02 -22.85 41.55
N GLU B 422 2.32 -22.12 42.62
CA GLU B 422 1.28 -21.72 43.57
C GLU B 422 0.33 -20.72 42.90
N LEU B 423 0.87 -19.82 42.08
CA LEU B 423 0.02 -18.91 41.33
C LEU B 423 -0.97 -19.66 40.45
N ASP B 424 -0.46 -20.61 39.67
CA ASP B 424 -1.27 -21.48 38.82
C ASP B 424 -2.48 -22.04 39.55
N ARG B 425 -2.25 -22.64 40.72
CA ARG B 425 -3.32 -23.30 41.43
C ARG B 425 -4.32 -22.33 41.98
N ARG B 426 -3.89 -21.12 42.27
CA ARG B 426 -4.82 -20.10 42.72
C ARG B 426 -5.72 -19.69 41.56
N VAL B 427 -5.10 -19.41 40.41
CA VAL B 427 -5.85 -19.06 39.18
C VAL B 427 -6.80 -20.19 38.78
N LEU B 428 -6.30 -21.42 38.91
CA LEU B 428 -7.09 -22.61 38.61
C LEU B 428 -8.29 -22.65 39.55
N GLU B 429 -8.02 -22.53 40.83
CA GLU B 429 -9.04 -22.59 41.88
C GLU B 429 -10.17 -21.61 41.64
N PHE B 430 -9.82 -20.43 41.13
CA PHE B 430 -10.80 -19.35 41.03
C PHE B 430 -11.55 -19.31 39.71
N GLY B 431 -11.24 -20.26 38.83
CA GLY B 431 -11.98 -20.42 37.60
C GLY B 431 -11.33 -19.70 36.44
N GLY B 432 -10.10 -19.25 36.64
CA GLY B 432 -9.39 -18.51 35.61
C GLY B 432 -8.60 -19.41 34.70
N ARG B 433 -7.78 -18.83 33.83
CA ARG B 433 -6.90 -19.62 32.97
C ARG B 433 -5.58 -18.92 32.59
N LEU B 434 -4.69 -19.70 31.98
CA LEU B 434 -3.42 -19.20 31.51
C LEU B 434 -3.40 -19.27 30.00
N TYR B 435 -2.46 -18.52 29.42
CA TYR B 435 -2.37 -18.32 27.97
C TYR B 435 -1.23 -19.17 27.43
N THR B 436 -1.52 -20.06 26.48
CA THR B 436 -0.49 -20.96 25.93
C THR B 436 0.59 -20.26 25.10
N ALA B 437 0.35 -19.00 24.72
CA ALA B 437 1.35 -18.26 23.97
C ALA B 437 2.42 -17.72 24.92
N LYS B 438 2.12 -17.71 26.21
CA LYS B 438 3.04 -17.25 27.25
C LYS B 438 3.65 -18.42 28.03
N ASP B 439 2.92 -19.53 28.13
CA ASP B 439 3.23 -20.62 29.07
C ASP B 439 3.98 -21.81 28.46
N SER B 440 4.87 -22.40 29.26
CA SER B 440 5.60 -23.61 28.89
C SER B 440 5.71 -24.63 30.04
N ARG B 441 5.19 -24.29 31.21
CA ARG B 441 5.40 -25.16 32.38
C ARG B 441 4.21 -26.07 32.72
N THR B 442 3.01 -25.53 32.65
CA THR B 442 1.84 -26.19 33.24
C THR B 442 1.54 -27.62 32.77
N THR B 443 0.86 -28.37 33.63
CA THR B 443 0.59 -29.78 33.37
C THR B 443 -0.67 -29.97 32.56
N ALA B 444 -0.79 -31.15 31.96
CA ALA B 444 -1.98 -31.51 31.22
C ALA B 444 -3.25 -31.38 32.07
N GLU B 445 -3.16 -31.77 33.35
CA GLU B 445 -4.32 -31.71 34.26
C GLU B 445 -4.76 -30.28 34.52
N THR B 446 -3.81 -29.41 34.79
CA THR B 446 -4.10 -27.99 34.95
C THR B 446 -4.79 -27.37 33.71
N PHE B 447 -4.21 -27.62 32.55
CA PHE B 447 -4.74 -27.12 31.28
C PHE B 447 -6.16 -27.60 31.04
N HIS B 448 -6.34 -28.90 31.20
CA HIS B 448 -7.61 -29.54 30.92
C HIS B 448 -8.68 -28.97 31.81
N ALA B 449 -8.32 -28.71 33.05
CA ALA B 449 -9.24 -28.14 34.02
C ALA B 449 -9.55 -26.67 33.69
N MET B 450 -8.57 -25.96 33.14
CA MET B 450 -8.80 -24.56 32.80
C MET B 450 -9.60 -24.40 31.51
N TYR B 451 -9.64 -25.45 30.70
CA TYR B 451 -10.33 -25.40 29.42
C TYR B 451 -11.30 -26.56 29.25
N PRO B 452 -12.52 -26.42 29.81
CA PRO B 452 -13.47 -27.54 29.88
C PRO B 452 -13.87 -28.08 28.49
N ARG B 453 -13.69 -27.28 27.45
CA ARG B 453 -14.05 -27.69 26.08
C ARG B 453 -12.92 -28.43 25.35
N VAL B 454 -11.83 -28.71 26.06
CA VAL B 454 -10.69 -29.40 25.47
C VAL B 454 -11.01 -30.79 24.89
N ASP B 455 -11.95 -31.50 25.48
CA ASP B 455 -12.27 -32.82 24.95
C ASP B 455 -13.13 -32.68 23.69
N GLU B 456 -14.03 -31.71 23.70
CA GLU B 456 -14.80 -31.39 22.50
C GLU B 456 -13.84 -30.99 21.39
N TRP B 457 -12.79 -30.26 21.77
CA TRP B 457 -11.72 -29.90 20.85
C TRP B 457 -10.93 -31.11 20.32
N ILE B 458 -10.44 -31.95 21.21
CA ILE B 458 -9.67 -33.13 20.82
C ILE B 458 -10.38 -34.06 19.82
N SER B 459 -11.70 -34.19 19.98
CA SER B 459 -12.47 -35.02 19.05
C SER B 459 -12.49 -34.45 17.64
N VAL B 460 -12.66 -33.13 17.53
CA VAL B 460 -12.61 -32.47 16.23
C VAL B 460 -11.24 -32.70 15.61
N ARG B 461 -10.23 -32.56 16.43
CA ARG B 461 -8.85 -32.79 16.03
C ARG B 461 -8.62 -34.21 15.50
N ARG B 462 -9.11 -35.20 16.24
CA ARG B 462 -8.94 -36.59 15.83
C ARG B 462 -9.69 -36.99 14.55
N LYS B 463 -10.75 -36.25 14.23
CA LYS B 463 -11.41 -36.39 12.93
C LYS B 463 -10.47 -35.97 11.79
N VAL B 464 -9.83 -34.81 11.94
CA VAL B 464 -9.01 -34.23 10.87
C VAL B 464 -7.60 -34.82 10.83
N ASP B 465 -7.09 -35.26 11.98
CA ASP B 465 -5.76 -35.83 12.05
C ASP B 465 -5.70 -37.08 12.93
N PRO B 466 -6.14 -38.22 12.38
CA PRO B 466 -6.14 -39.48 13.13
C PRO B 466 -4.73 -39.94 13.48
N LEU B 467 -3.82 -39.92 12.51
CA LEU B 467 -2.53 -40.56 12.67
C LEU B 467 -1.49 -39.66 13.27
N ARG B 468 -1.89 -38.45 13.60
CA ARG B 468 -1.04 -37.47 14.30
C ARG B 468 0.14 -36.94 13.49
N VAL B 469 -0.12 -36.57 12.25
CA VAL B 469 0.88 -35.90 11.40
C VAL B 469 1.34 -34.61 12.08
N PHE B 470 0.42 -33.94 12.78
CA PHE B 470 0.75 -32.65 13.38
C PHE B 470 1.01 -32.78 14.88
N ALA B 471 2.22 -32.39 15.28
CA ALA B 471 2.71 -32.63 16.64
C ALA B 471 3.69 -31.53 17.00
N SER B 472 3.68 -31.14 18.27
CA SER B 472 4.61 -30.14 18.78
C SER B 472 4.94 -30.49 20.22
N ASP B 473 5.97 -29.87 20.78
CA ASP B 473 6.32 -30.09 22.18
C ASP B 473 5.15 -29.71 23.10
N MET B 474 4.39 -28.68 22.74
CA MET B 474 3.25 -28.29 23.58
C MET B 474 2.18 -29.37 23.63
N ALA B 475 1.88 -29.94 22.47
CA ALA B 475 0.82 -30.93 22.33
C ALA B 475 1.14 -32.19 23.12
N ARG B 476 2.37 -32.68 23.03
CA ARG B 476 2.77 -33.85 23.83
C ARG B 476 2.65 -33.55 25.32
N ARG B 477 3.12 -32.36 25.72
CA ARG B 477 3.11 -31.93 27.12
C ARG B 477 1.71 -31.77 27.72
N LEU B 478 0.76 -31.32 26.91
CA LEU B 478 -0.58 -31.00 27.39
C LEU B 478 -1.55 -32.07 26.96
N GLU B 479 -1.01 -33.14 26.38
CA GLU B 479 -1.81 -34.26 25.91
C GLU B 479 -2.98 -33.79 25.05
N LEU B 480 -2.67 -32.95 24.06
CA LEU B 480 -3.67 -32.54 23.06
C LEU B 480 -3.52 -33.45 21.84
N LEU B 481 -2.33 -34.03 21.71
CA LEU B 481 -2.02 -34.91 20.59
C LEU B 481 -3.08 -36.00 20.41
NBE 26J C . 9.05 16.07 -22.01
OAE 26J C . 8.18 16.74 -21.46
CAX 26J C . 9.51 14.91 -21.31
CBB 26J C . 9.87 14.93 -19.95
SAV 26J C . 9.81 16.38 -19.05
CAY 26J C . 10.33 16.10 -17.45
NAR 26J C . 10.71 14.85 -17.06
CAZ 26J C . 10.72 13.75 -17.85
OAD 26J C . 11.10 12.67 -17.34
CBA 26J C . 10.31 13.78 -19.30
CAK 26J C . 10.37 12.58 -20.00
CAW 26J C . 10.01 12.53 -21.33
CBG 26J C . 10.11 11.22 -22.04
FAG 26J C . 9.28 10.35 -21.49
FAH 26J C . 11.34 10.76 -21.93
FAF 26J C . 9.84 11.40 -23.32
CAJ 26J C . 9.58 13.68 -21.99
NBF 26J C . 10.37 17.15 -16.51
CAM 26J C . 11.68 17.13 -15.81
CAL 26J C . 10.20 18.47 -17.15
PA FAD D . -5.15 18.06 -15.79
O1A FAD D . -3.85 18.73 -16.21
O2A FAD D . -6.00 18.68 -14.69
O5B FAD D . -6.06 17.72 -17.07
C5B FAD D . -5.50 17.32 -18.32
C4B FAD D . -6.61 16.78 -19.21
O4B FAD D . -7.16 15.59 -18.62
C3B FAD D . -7.75 17.79 -19.30
O3B FAD D . -8.27 17.79 -20.62
C2B FAD D . -8.83 17.21 -18.42
O2B FAD D . -10.12 17.54 -18.93
C1B FAD D . -8.57 15.72 -18.54
N9A FAD D . -9.11 15.03 -17.35
C8A FAD D . -8.64 15.12 -16.10
N7A FAD D . -9.41 14.35 -15.30
C5A FAD D . -10.36 13.77 -16.07
C6A FAD D . -11.41 12.89 -15.81
N6A FAD D . -11.63 12.44 -14.53
N1A FAD D . -12.20 12.49 -16.84
C2A FAD D . -11.99 12.92 -18.09
N3A FAD D . -10.98 13.76 -18.37
C4A FAD D . -10.16 14.19 -17.37
N1 FAD D . 3.26 14.12 -19.66
C2 FAD D . 3.74 13.05 -20.30
O2 FAD D . 2.94 12.40 -21.17
N3 FAD D . 5.00 12.62 -20.10
C4 FAD D . 5.80 13.25 -19.23
O4 FAD D . 7.06 12.81 -19.00
C4X FAD D . 5.31 14.44 -18.51
N5 FAD D . 6.11 15.08 -17.61
C5X FAD D . 5.62 16.16 -16.95
C6 FAD D . 6.42 16.85 -16.02
C7 FAD D . 5.90 17.95 -15.36
C7M FAD D . 6.74 18.72 -14.39
C8 FAD D . 4.50 18.39 -15.62
C8M FAD D . 3.93 19.58 -14.92
C9 FAD D . 3.71 17.70 -16.53
C9A FAD D . 4.24 16.61 -17.21
N10 FAD D . 3.46 15.93 -18.15
C10 FAD D . 4.01 14.83 -18.79
C1' FAD D . 2.06 16.31 -18.43
C2' FAD D . 1.11 15.51 -17.51
O2' FAD D . 1.54 14.16 -17.42
C3' FAD D . -0.25 15.52 -18.16
O3' FAD D . -0.52 16.86 -18.53
C4' FAD D . -1.38 14.95 -17.28
O4' FAD D . -2.58 14.86 -18.08
C5' FAD D . -1.67 15.83 -16.08
O5' FAD D . -2.67 15.21 -15.27
P FAD D . -3.68 16.07 -14.37
O1P FAD D . -4.36 15.08 -13.41
O2P FAD D . -2.90 17.22 -13.79
O3P FAD D . -4.85 16.53 -15.35
NBE 26J E . -0.26 -9.34 28.09
OAE 26J E . 0.39 -10.17 27.47
CAX 26J E . -0.75 -8.20 27.42
CBB 26J E . 0.11 -7.33 26.76
SAV 26J E . 1.79 -7.59 26.75
CAY 26J E . 2.54 -6.35 25.88
NAR 26J E . 1.82 -5.35 25.31
CAZ 26J E . 0.47 -5.24 25.37
OAD 26J E . -0.09 -4.28 24.82
CBA 26J E . -0.39 -6.22 26.09
CAK 26J E . -1.75 -5.98 26.08
CAW 26J E . -2.63 -6.84 26.72
CBG 26J E . -4.10 -6.54 26.69
FAG 26J E . -4.48 -6.46 25.42
FAH 26J E . -4.34 -5.39 27.30
FAF 26J E . -4.77 -7.50 27.27
CAJ 26J E . -2.13 -7.95 27.39
NBF 26J E . 3.95 -6.35 25.74
PA FAD F . 4.82 -18.58 16.40
O1A FAD F . 5.08 -18.02 17.78
O2A FAD F . 5.93 -18.96 15.46
O5B FAD F . 3.82 -19.80 16.49
C5B FAD F . 2.81 -19.73 17.49
C4B FAD F . 1.74 -20.73 17.17
O4B FAD F . 1.13 -20.42 15.90
C3B FAD F . 2.33 -22.13 17.05
O3B FAD F . 1.38 -23.02 17.61
C2B FAD F . 2.33 -22.38 15.57
O2B FAD F . 2.20 -23.78 15.29
C1B FAD F . 1.10 -21.59 15.10
N9A FAD F . 1.16 -21.26 13.65
C8A FAD F . 1.97 -20.33 13.10
N7A FAD F . 1.74 -20.28 11.77
C5A FAD F . 0.79 -21.18 11.48
C6A FAD F . 0.17 -21.56 10.29
N6A FAD F . 0.51 -20.99 9.11
N1A FAD F . -0.77 -22.53 10.33
C2A FAD F . -1.13 -23.12 11.51
N3A FAD F . -0.54 -22.76 12.66
C4A FAD F . 0.41 -21.80 12.68
N1 FAD F . -0.41 -12.08 22.18
C2 FAD F . -1.63 -11.55 22.40
O2 FAD F . -2.73 -12.32 22.21
N3 FAD F . -1.79 -10.27 22.79
C4 FAD F . -0.71 -9.47 22.98
O4 FAD F . -0.82 -8.17 23.38
C4X FAD F . 0.64 -10.03 22.75
N5 FAD F . 1.73 -9.25 22.93
C5X FAD F . 2.98 -9.75 22.71
C6 FAD F . 4.10 -8.95 22.91
C7 FAD F . 5.37 -9.48 22.68
C7M FAD F . 6.59 -8.62 22.88
C8 FAD F . 5.52 -10.90 22.24
C8M FAD F . 6.90 -11.48 21.99
C9 FAD F . 4.40 -11.70 22.05
C9A FAD F . 3.13 -11.17 22.28
N10 FAD F . 1.96 -11.96 22.10
C10 FAD F . 0.72 -11.36 22.35
C1' FAD F . 2.03 -13.35 21.66
C2' FAD F . 1.99 -13.42 20.13
O2' FAD F . 1.01 -12.50 19.65
C3' FAD F . 1.54 -14.81 19.71
O3' FAD F . 2.25 -15.81 20.44
C4' FAD F . 1.65 -15.01 18.22
O4' FAD F . 1.07 -16.28 17.92
C5' FAD F . 3.07 -15.05 17.68
O5' FAD F . 2.93 -15.26 16.28
P FAD F . 4.08 -15.98 15.42
O1P FAD F . 3.79 -15.75 13.95
O2P FAD F . 5.38 -15.52 16.01
O3P FAD F . 3.81 -17.54 15.64
#